data_7CCS
#
_entry.id   7CCS
#
_cell.length_a   1.00
_cell.length_b   1.00
_cell.length_c   1.00
_cell.angle_alpha   90.00
_cell.angle_beta   90.00
_cell.angle_gamma   90.00
#
_symmetry.space_group_name_H-M   'P 1'
#
loop_
_entity.id
_entity.type
_entity.pdbx_description
1 polymer '4F2 cell-surface antigen heavy chain'
2 polymer 'Consensus mutated Anionic Amino Acid Transporter Light Chain, Xc- System'
#
loop_
_entity_poly.entity_id
_entity_poly.type
_entity_poly.pdbx_seq_one_letter_code
_entity_poly.pdbx_strand_id
1 'polypeptide(L)'
;GSELQPPEASIAVVSIPRQLPGSHSEAGVQGLSAGDDSELGSHCVAQTGLELLASGDPLPSASQNAEMIETGSDCVTQAG
LQLLASSDPPALASKNAEVTGTMSQDTEVDMKEVELNELEPEKQPMNAASGAAMSLAGAEKNGLVKIKVAEDEAEAAAAA
KFTGLSKEELLKVAGSPGWVRTRWALLLLFWLGWLGMLAGAVVIIVRAPRCRELPAQKWWHTGALYRIGDLQAFQGHGAG
NLAGLKGRLDYLSSLKVKGLVLGPIHKNQKDDVAQTDLLQIDPNFGSKEDFDSLLQSAKKKSIRVILDLTPNYRGENSWF
STQVDTVATKVKDALEFWLQAGVDGFQVRDIENLKDASSFLAEWQNITKGFSEDRLLIAGTNSSDLQQILSLLESNKDLL
LTSSYLSDSGSTGEHTKSLVTQYLNATGNRWCSWSLSQARLLTSFLPAQLLRLYQLMLFTLPGTPVFSYGDEIGLDAAAL
PGQPMEAPVMLWDESSFPDIPGAVSANMTVKGQSEDPGSLLSLFRRLSDQRSKERSLLHGDFHAFSAGPGLFSYIRHWDQ
NERFLVVLNFGDVGLSAGLQASDLPASASLPAKADLLLSTQPGREEGSPLELERLKLEPHEGLLLRFPYAA
;
A
2 'polypeptide(L)'
;MVRKPVVSTISKGGYLQGNVNGRLPSLGSKEPPGQEKVQLKREITLLDGVSLIVGTIIGAGIFVSPKGVLKNTGSVGLSL
VIWAVCGVLSLFGALCYAELGTTIPKSGGAYLYILETFGPLPAFLRGWNELLIIRPASTAVISLAFGNYILEPFFPTCEP
PELAIKLLAAVGILLLTVLNSLSVKWSARVQDFFTAAKLLALLIIIVPGVVQLIKGQTQNFKDAFEGSDPSIGGLPLAFY
SGLYAYVGWDYLNFVTEEVKNPEKNIPLAIVISMPIVTVAYVLTNVAYFTTLSPEELLLSNAVAVTFGERLLGNFSWAVP
IFVALSCFGSLNGSLFAMSRLFYVAAREGHLPKILSMIHVRRHTPLPALIVSGPLTAIMLFLGDLFSLINFMSFGTWLFY
GLVVAGLIYLRYKKPDLHRPIKVPLFIPILFLLTCLFLVAVSLYSDPVNCGIGFVIILTGVPVYFLFVYWDKKPKWFRRI
SEKITRHLQLLLEVVPEEDKLDYKDDDDK
;
B
#
# COMPACT_ATOMS: atom_id res chain seq x y z
N THR A 163 -36.64 38.28 -17.49
CA THR A 163 -36.63 37.00 -18.17
C THR A 163 -35.21 36.43 -18.10
N GLY A 164 -35.09 35.12 -17.87
CA GLY A 164 -33.79 34.46 -17.73
C GLY A 164 -33.16 34.00 -19.05
N LEU A 165 -33.74 34.43 -20.16
CA LEU A 165 -33.27 34.09 -21.49
C LEU A 165 -33.86 35.00 -22.56
N SER A 166 -33.03 35.45 -23.49
CA SER A 166 -33.46 36.31 -24.59
C SER A 166 -33.87 35.50 -25.82
N LYS A 167 -34.90 35.98 -26.49
CA LYS A 167 -35.42 35.33 -27.69
C LYS A 167 -34.41 35.31 -28.82
N GLU A 168 -34.29 34.16 -29.47
CA GLU A 168 -33.36 33.95 -30.57
C GLU A 168 -33.48 35.02 -31.65
N GLU A 169 -34.69 35.21 -32.14
CA GLU A 169 -34.92 36.20 -33.19
C GLU A 169 -34.57 37.60 -32.70
N LEU A 170 -34.76 37.86 -31.41
CA LEU A 170 -34.37 39.14 -30.82
C LEU A 170 -32.87 39.27 -30.91
N LEU A 171 -32.18 38.18 -30.59
CA LEU A 171 -30.73 38.09 -30.63
C LEU A 171 -30.19 38.19 -32.06
N LYS A 172 -31.04 37.89 -33.05
CA LYS A 172 -30.71 38.02 -34.45
C LYS A 172 -31.06 39.40 -35.03
N VAL A 173 -31.43 40.35 -34.17
CA VAL A 173 -31.76 41.70 -34.60
C VAL A 173 -30.61 42.68 -35.02
N ALA A 174 -29.45 42.89 -34.32
CA ALA A 174 -28.78 42.31 -33.12
C ALA A 174 -27.99 41.09 -33.56
N GLY A 175 -26.82 40.94 -32.95
CA GLY A 175 -25.88 39.89 -33.29
C GLY A 175 -24.58 40.58 -33.71
N SER A 176 -24.33 41.72 -33.08
CA SER A 176 -23.18 42.55 -33.35
C SER A 176 -21.86 41.94 -32.94
N PRO A 177 -20.79 42.24 -33.70
CA PRO A 177 -19.38 41.95 -33.47
C PRO A 177 -18.98 42.33 -32.05
N GLY A 178 -19.64 43.35 -31.50
CA GLY A 178 -19.45 43.81 -30.12
C GLY A 178 -19.61 42.66 -29.10
N TRP A 179 -20.30 41.60 -29.50
CA TRP A 179 -20.41 40.42 -28.68
C TRP A 179 -19.89 39.20 -29.45
N VAL A 180 -20.03 39.21 -30.76
CA VAL A 180 -19.59 38.05 -31.53
C VAL A 180 -18.07 37.96 -31.62
N ARG A 181 -17.43 39.05 -32.01
CA ARG A 181 -15.98 39.06 -32.11
C ARG A 181 -15.41 39.15 -30.73
N THR A 182 -16.12 39.86 -29.85
CA THR A 182 -15.71 39.95 -28.46
C THR A 182 -15.65 38.56 -27.86
N ARG A 183 -16.67 37.75 -28.11
CA ARG A 183 -16.65 36.37 -27.64
C ARG A 183 -15.49 35.62 -28.20
N TRP A 184 -15.20 35.81 -29.49
CA TRP A 184 -14.06 35.14 -30.09
C TRP A 184 -12.77 35.53 -29.39
N ALA A 185 -12.64 36.81 -29.03
CA ALA A 185 -11.49 37.29 -28.29
C ALA A 185 -11.44 36.65 -26.92
N LEU A 186 -12.60 36.56 -26.28
CA LEU A 186 -12.72 35.95 -24.96
C LEU A 186 -12.35 34.48 -25.02
N LEU A 187 -12.72 33.82 -26.12
CA LEU A 187 -12.36 32.44 -26.36
C LEU A 187 -10.87 32.28 -26.47
N LEU A 188 -10.24 33.18 -27.22
CA LEU A 188 -8.80 33.14 -27.38
C LEU A 188 -8.16 33.23 -26.01
N LEU A 189 -8.68 34.14 -25.19
CA LEU A 189 -8.22 34.34 -23.83
C LEU A 189 -8.53 33.14 -22.96
N PHE A 190 -9.67 32.51 -23.19
CA PHE A 190 -10.07 31.35 -22.44
C PHE A 190 -9.11 30.20 -22.58
N TRP A 191 -8.84 29.78 -23.81
CA TRP A 191 -7.93 28.67 -23.94
C TRP A 191 -6.49 29.13 -23.72
N LEU A 192 -6.24 30.43 -23.83
CA LEU A 192 -4.92 30.94 -23.52
C LEU A 192 -4.66 30.73 -22.04
N GLY A 193 -5.62 31.11 -21.21
CA GLY A 193 -5.54 30.91 -19.76
C GLY A 193 -5.38 29.43 -19.45
N TRP A 194 -6.18 28.60 -20.13
CA TRP A 194 -6.13 27.15 -20.01
C TRP A 194 -4.73 26.64 -20.30
N LEU A 195 -4.14 27.16 -21.37
CA LEU A 195 -2.80 26.81 -21.77
C LEU A 195 -1.80 27.26 -20.70
N GLY A 196 -2.00 28.45 -20.15
CA GLY A 196 -1.16 28.96 -19.07
C GLY A 196 -1.19 28.00 -17.89
N MET A 197 -2.39 27.53 -17.56
CA MET A 197 -2.59 26.56 -16.49
C MET A 197 -1.83 25.29 -16.80
N LEU A 198 -1.99 24.82 -18.03
CA LEU A 198 -1.32 23.64 -18.55
C LEU A 198 0.18 23.77 -18.34
N ALA A 199 0.72 24.91 -18.79
CA ALA A 199 2.13 25.19 -18.64
C ALA A 199 2.53 25.15 -17.19
N GLY A 200 1.69 25.70 -16.32
CA GLY A 200 1.93 25.68 -14.88
C GLY A 200 2.04 24.24 -14.38
N ALA A 201 1.11 23.39 -14.83
CA ALA A 201 1.10 21.98 -14.45
C ALA A 201 2.39 21.30 -14.90
N VAL A 202 2.91 21.71 -16.05
CA VAL A 202 4.15 21.14 -16.53
C VAL A 202 5.34 21.63 -15.75
N VAL A 203 5.48 22.94 -15.63
CA VAL A 203 6.67 23.45 -14.97
C VAL A 203 6.69 23.14 -13.49
N ILE A 204 5.53 22.93 -12.88
CA ILE A 204 5.54 22.62 -11.47
C ILE A 204 6.11 21.22 -11.22
N ILE A 205 6.06 20.33 -12.22
CA ILE A 205 6.61 19.00 -12.02
C ILE A 205 8.04 18.97 -12.53
N VAL A 206 8.36 19.91 -13.42
CA VAL A 206 9.74 20.07 -13.87
C VAL A 206 10.55 20.63 -12.72
N ARG A 207 9.99 21.63 -12.03
CA ARG A 207 10.62 22.25 -10.90
C ARG A 207 10.57 21.36 -9.67
N ALA A 208 9.62 20.41 -9.64
CA ALA A 208 9.52 19.51 -8.53
C ALA A 208 10.74 18.59 -8.47
N PRO A 209 11.31 18.38 -7.28
CA PRO A 209 12.33 17.41 -6.92
C PRO A 209 11.82 16.00 -7.15
N ARG A 210 12.70 15.02 -7.01
CA ARG A 210 12.28 13.63 -7.11
C ARG A 210 12.75 12.86 -5.90
N CYS A 211 11.91 11.93 -5.44
CA CYS A 211 12.24 11.15 -4.25
C CYS A 211 13.40 10.20 -4.56
N ARG A 212 14.32 10.12 -3.60
CA ARG A 212 15.57 9.39 -3.72
C ARG A 212 15.42 8.00 -4.34
N GLU A 213 16.08 7.82 -5.48
CA GLU A 213 16.05 6.59 -6.26
C GLU A 213 17.20 5.66 -5.90
N LEU A 214 14.72 4.23 -4.15
CA LEU A 214 15.00 3.54 -2.90
C LEU A 214 16.22 2.63 -3.05
N PRO A 215 17.42 3.14 -2.79
CA PRO A 215 18.70 2.46 -2.80
C PRO A 215 18.61 1.18 -1.98
N ALA A 216 18.88 0.03 -2.59
CA ALA A 216 18.75 -1.20 -1.83
C ALA A 216 19.52 -2.38 -2.39
N GLN A 217 20.00 -3.18 -1.45
CA GLN A 217 20.69 -4.44 -1.66
C GLN A 217 19.77 -5.55 -1.19
N LYS A 218 20.03 -6.78 -1.60
CA LYS A 218 19.17 -7.91 -1.25
C LYS A 218 19.23 -8.30 0.21
N TRP A 219 20.14 -9.21 0.51
CA TRP A 219 20.81 -10.09 1.44
C TRP A 219 21.85 -9.34 2.23
N TRP A 220 22.31 -8.25 1.67
CA TRP A 220 23.33 -7.48 2.31
C TRP A 220 22.69 -6.30 2.94
N HIS A 221 23.17 -5.93 4.11
CA HIS A 221 22.58 -4.82 4.80
C HIS A 221 21.08 -4.97 5.06
N THR A 222 20.59 -6.21 5.23
CA THR A 222 19.15 -6.43 5.46
C THR A 222 18.86 -7.51 6.47
N GLY A 223 17.59 -7.60 6.86
CA GLY A 223 17.00 -8.64 7.72
C GLY A 223 17.92 -9.18 8.80
N ALA A 224 18.10 -10.51 8.77
CA ALA A 224 18.98 -11.24 9.69
C ALA A 224 19.15 -12.72 9.26
N LEU A 225 20.26 -13.31 9.69
CA LEU A 225 20.48 -14.76 9.51
C LEU A 225 20.97 -15.43 10.79
N TYR A 226 20.64 -16.71 10.95
CA TYR A 226 21.10 -17.49 12.09
C TYR A 226 21.85 -18.78 11.70
N ARG A 227 22.91 -19.07 12.43
CA ARG A 227 23.77 -20.24 12.18
C ARG A 227 23.38 -21.56 12.81
N ILE A 228 23.47 -22.61 12.00
CA ILE A 228 23.24 -24.00 12.41
C ILE A 228 24.54 -24.77 12.35
N GLY A 229 24.84 -25.54 13.38
CA GLY A 229 26.01 -26.40 13.35
C GLY A 229 25.54 -27.85 13.29
N ASP A 230 25.29 -28.40 14.47
CA ASP A 230 24.73 -29.72 14.66
C ASP A 230 23.22 -29.75 14.59
N LEU A 231 22.69 -30.74 13.87
CA LEU A 231 21.25 -30.92 13.75
C LEU A 231 20.60 -31.18 15.08
N GLN A 232 21.23 -32.01 15.92
CA GLN A 232 20.66 -32.30 17.23
C GLN A 232 20.62 -31.04 18.05
N ALA A 233 21.76 -30.38 18.14
CA ALA A 233 21.88 -29.12 18.83
C ALA A 233 20.78 -28.19 18.41
N PHE A 234 20.73 -27.89 17.13
CA PHE A 234 19.74 -26.97 16.58
C PHE A 234 18.31 -27.32 16.94
N GLN A 235 17.98 -28.58 16.80
CA GLN A 235 16.64 -29.04 17.05
C GLN A 235 16.29 -29.28 18.51
N GLY A 236 17.25 -29.11 19.44
CA GLY A 236 16.94 -29.39 20.84
C GLY A 236 16.80 -30.90 21.01
N HIS A 237 17.50 -31.60 20.13
CA HIS A 237 17.47 -33.04 19.96
C HIS A 237 18.73 -33.72 20.48
N GLY A 238 18.73 -35.06 20.59
CA GLY A 238 17.59 -35.94 20.23
C GLY A 238 17.82 -36.60 18.88
N ALA A 239 16.77 -36.62 18.05
CA ALA A 239 16.86 -37.19 16.72
C ALA A 239 17.94 -36.51 15.87
N GLY A 240 17.89 -35.19 15.76
CA GLY A 240 18.87 -34.46 14.96
C GLY A 240 18.64 -34.78 13.51
N ASN A 241 17.39 -34.76 13.10
CA ASN A 241 17.07 -35.17 11.75
C ASN A 241 16.71 -34.00 10.88
N LEU A 242 16.39 -34.27 9.64
CA LEU A 242 16.11 -33.18 8.75
C LEU A 242 14.67 -32.75 8.81
N ALA A 243 13.81 -33.65 9.27
CA ALA A 243 12.40 -33.35 9.46
C ALA A 243 12.23 -32.33 10.57
N GLY A 244 12.99 -32.50 11.65
CA GLY A 244 12.98 -31.60 12.77
C GLY A 244 13.40 -30.24 12.29
N LEU A 245 14.48 -30.21 11.51
CA LEU A 245 14.94 -28.97 10.92
C LEU A 245 13.82 -28.33 10.10
N LYS A 246 13.18 -29.12 9.23
CA LYS A 246 12.08 -28.63 8.41
C LYS A 246 10.96 -28.04 9.26
N GLY A 247 10.67 -28.63 10.41
CA GLY A 247 9.68 -28.05 11.31
C GLY A 247 10.20 -26.71 11.84
N ARG A 248 11.49 -26.68 12.14
CA ARG A 248 12.13 -25.49 12.65
C ARG A 248 12.24 -24.40 11.57
N LEU A 249 12.07 -24.77 10.29
CA LEU A 249 12.03 -23.77 9.22
C LEU A 249 10.78 -22.91 9.35
N ASP A 250 9.74 -23.44 9.98
CA ASP A 250 8.51 -22.70 10.13
C ASP A 250 8.69 -21.80 11.32
N TYR A 251 9.42 -22.31 12.30
CA TYR A 251 9.86 -21.50 13.39
C TYR A 251 10.68 -20.33 12.88
N LEU A 252 11.64 -20.61 12.02
CA LEU A 252 12.44 -19.59 11.39
C LEU A 252 11.55 -18.53 10.75
N SER A 253 10.55 -18.97 9.99
CA SER A 253 9.66 -18.03 9.36
C SER A 253 8.86 -17.24 10.40
N SER A 254 8.61 -17.82 11.59
CA SER A 254 7.93 -17.06 12.62
C SER A 254 8.89 -16.02 13.17
N LEU A 255 10.18 -16.33 13.13
CA LEU A 255 11.21 -15.40 13.55
C LEU A 255 11.35 -14.26 12.58
N LYS A 256 11.01 -14.53 11.31
CA LYS A 256 11.12 -13.59 10.20
C LYS A 256 12.57 -13.36 9.85
N VAL A 257 13.33 -14.44 9.92
CA VAL A 257 14.75 -14.43 9.58
C VAL A 257 14.92 -14.65 8.08
N LYS A 258 15.84 -13.92 7.45
CA LYS A 258 16.05 -14.10 6.00
C LYS A 258 16.50 -15.50 5.66
N GLY A 259 17.40 -16.01 6.48
CA GLY A 259 17.89 -17.33 6.22
C GLY A 259 18.70 -17.91 7.34
N LEU A 260 19.41 -18.95 7.00
CA LEU A 260 20.18 -19.66 7.97
C LEU A 260 21.43 -20.21 7.39
N VAL A 261 22.36 -20.54 8.26
CA VAL A 261 23.56 -21.15 7.79
C VAL A 261 23.54 -22.61 8.14
N LEU A 262 23.46 -23.42 7.12
CA LEU A 262 23.50 -24.85 7.29
C LEU A 262 24.89 -25.19 7.77
N GLY A 263 24.98 -26.00 8.82
CA GLY A 263 26.30 -26.34 9.36
C GLY A 263 27.01 -27.25 8.39
N PRO A 264 28.26 -27.60 8.66
CA PRO A 264 29.14 -28.43 7.85
C PRO A 264 28.59 -29.85 7.74
N ILE A 265 27.62 -30.01 6.85
CA ILE A 265 26.93 -31.26 6.55
C ILE A 265 27.78 -32.26 5.80
N HIS A 266 28.61 -31.75 4.94
CA HIS A 266 29.53 -32.54 4.14
C HIS A 266 30.53 -33.31 5.02
N LYS A 267 31.15 -34.34 4.45
CA LYS A 267 32.08 -35.23 5.17
C LYS A 267 33.36 -34.60 5.67
N ASN A 268 33.23 -33.89 6.77
CA ASN A 268 34.34 -33.26 7.47
C ASN A 268 35.18 -34.32 8.12
N GLN A 269 36.47 -34.08 8.28
CA GLN A 269 37.30 -35.13 8.87
C GLN A 269 37.92 -34.84 10.19
N LYS A 270 38.58 -35.85 10.75
CA LYS A 270 39.31 -35.69 11.99
C LYS A 270 40.74 -35.30 11.65
N ASP A 271 40.88 -34.05 11.24
CA ASP A 271 42.15 -33.48 10.84
C ASP A 271 42.76 -34.22 9.63
N ASP A 272 41.92 -34.52 8.63
CA ASP A 272 42.37 -35.18 7.40
C ASP A 272 41.88 -34.50 6.11
N VAL A 273 42.77 -33.69 5.54
CA VAL A 273 42.55 -32.90 4.34
C VAL A 273 42.23 -33.70 3.08
N ALA A 274 42.68 -34.95 3.05
CA ALA A 274 42.50 -35.81 1.90
C ALA A 274 41.15 -36.47 1.89
N GLN A 275 40.74 -37.01 3.04
CA GLN A 275 39.45 -37.68 3.13
C GLN A 275 38.29 -36.71 3.11
N THR A 276 38.54 -35.47 3.54
CA THR A 276 37.46 -34.51 3.60
C THR A 276 36.73 -34.29 2.31
N ASP A 277 35.43 -34.46 2.36
CA ASP A 277 34.64 -34.15 1.21
C ASP A 277 33.88 -32.89 1.50
N LEU A 278 34.23 -31.80 0.81
CA LEU A 278 33.45 -30.57 0.91
C LEU A 278 32.17 -30.72 0.09
N LEU A 279 32.19 -31.70 -0.79
CA LEU A 279 31.11 -32.04 -1.66
C LEU A 279 30.23 -33.03 -0.93
N GLN A 280 30.50 -34.31 -1.15
CA GLN A 280 29.80 -35.42 -0.55
C GLN A 280 29.43 -35.23 0.89
N ILE A 281 28.16 -35.44 1.13
CA ILE A 281 27.47 -35.36 2.38
C ILE A 281 27.68 -36.48 3.35
N ASP A 282 27.93 -36.09 4.59
CA ASP A 282 28.04 -37.02 5.67
C ASP A 282 26.62 -37.52 6.00
N PRO A 283 26.35 -38.82 5.83
CA PRO A 283 25.08 -39.53 6.00
C PRO A 283 24.55 -39.45 7.43
N ASN A 284 25.38 -38.97 8.35
CA ASN A 284 25.02 -38.78 9.73
C ASN A 284 24.58 -37.35 9.93
N PHE A 285 24.27 -36.77 8.78
CA PHE A 285 23.23 -35.76 8.78
C PHE A 285 22.07 -36.17 7.86
N GLY A 286 22.38 -36.86 6.77
CA GLY A 286 21.34 -37.32 5.83
C GLY A 286 21.87 -37.41 4.39
N SER A 287 20.98 -37.65 3.42
CA SER A 287 21.41 -37.70 2.01
C SER A 287 21.19 -36.37 1.34
N LYS A 288 21.82 -36.18 0.17
CA LYS A 288 21.66 -34.94 -0.56
C LYS A 288 20.22 -34.69 -0.87
N GLU A 289 19.54 -35.73 -1.33
CA GLU A 289 18.15 -35.67 -1.69
C GLU A 289 17.29 -35.25 -0.52
N ASP A 290 17.67 -35.68 0.68
CA ASP A 290 16.95 -35.25 1.87
C ASP A 290 17.15 -33.75 2.03
N PHE A 291 18.40 -33.33 1.82
CA PHE A 291 18.76 -31.92 1.90
C PHE A 291 18.19 -31.13 0.76
N ASP A 292 17.96 -31.78 -0.37
CA ASP A 292 17.39 -31.09 -1.50
C ASP A 292 15.97 -30.74 -1.17
N SER A 293 15.23 -31.70 -0.62
CA SER A 293 13.85 -31.45 -0.24
C SER A 293 13.78 -30.42 0.87
N LEU A 294 14.80 -30.43 1.73
CA LEU A 294 14.96 -29.47 2.79
C LEU A 294 15.11 -28.09 2.21
N LEU A 295 16.06 -27.96 1.30
CA LEU A 295 16.35 -26.72 0.60
C LEU A 295 15.15 -26.23 -0.16
N GLN A 296 14.42 -27.15 -0.77
CA GLN A 296 13.20 -26.81 -1.49
C GLN A 296 12.18 -26.25 -0.55
N SER A 297 11.99 -26.91 0.61
CA SER A 297 11.01 -26.44 1.57
C SER A 297 11.45 -25.12 2.16
N ALA A 298 12.76 -24.91 2.27
CA ALA A 298 13.27 -23.66 2.77
C ALA A 298 12.89 -22.55 1.81
N LYS A 299 13.07 -22.82 0.51
CA LYS A 299 12.72 -21.85 -0.52
C LYS A 299 11.22 -21.59 -0.51
N LYS A 300 10.44 -22.65 -0.30
CA LYS A 300 8.99 -22.54 -0.22
C LYS A 300 8.60 -21.67 0.97
N LYS A 301 9.39 -21.74 2.03
CA LYS A 301 9.17 -20.96 3.24
C LYS A 301 9.91 -19.61 3.21
N SER A 302 10.47 -19.23 2.04
CA SER A 302 11.21 -17.98 1.85
C SER A 302 12.46 -17.91 2.72
N ILE A 303 13.19 -19.02 2.78
CA ILE A 303 14.38 -19.13 3.60
C ILE A 303 15.62 -19.39 2.78
N ARG A 304 16.61 -18.52 2.95
CA ARG A 304 17.85 -18.67 2.21
C ARG A 304 18.86 -19.49 3.00
N VAL A 305 19.51 -20.42 2.33
CA VAL A 305 20.46 -21.31 2.99
C VAL A 305 21.90 -21.15 2.53
N ILE A 306 22.78 -21.02 3.51
CA ILE A 306 24.22 -20.89 3.34
C ILE A 306 24.95 -22.04 4.05
N LEU A 307 25.88 -22.71 3.36
CA LEU A 307 26.56 -23.86 3.99
C LEU A 307 27.95 -23.57 4.55
N ASP A 308 28.13 -23.85 5.82
CA ASP A 308 29.42 -23.57 6.41
C ASP A 308 30.45 -24.59 6.02
N LEU A 309 31.30 -24.18 5.08
CA LEU A 309 32.37 -25.05 4.62
C LEU A 309 33.61 -25.05 5.50
N THR A 310 33.51 -25.75 6.62
CA THR A 310 34.67 -26.00 7.49
C THR A 310 35.04 -27.46 7.34
N PRO A 311 36.03 -27.75 6.48
CA PRO A 311 36.46 -29.04 5.98
C PRO A 311 36.92 -29.96 7.12
N ASN A 312 37.33 -29.39 8.23
CA ASN A 312 37.70 -30.22 9.33
C ASN A 312 36.81 -30.06 10.54
N TYR A 313 35.53 -29.73 10.33
CA TYR A 313 34.56 -29.58 11.42
C TYR A 313 34.57 -30.76 12.40
N ARG A 314 34.65 -31.96 11.85
CA ARG A 314 34.71 -33.19 12.61
C ARG A 314 35.97 -33.27 13.48
N GLY A 315 37.06 -32.68 13.02
CA GLY A 315 38.33 -32.73 13.73
C GLY A 315 38.58 -31.52 14.60
N GLU A 316 39.86 -31.30 14.91
CA GLU A 316 40.24 -30.23 15.81
C GLU A 316 40.39 -28.89 15.12
N ASN A 317 41.35 -28.78 14.22
CA ASN A 317 41.54 -27.52 13.52
C ASN A 317 40.69 -27.54 12.30
N SER A 318 39.69 -26.66 12.20
CA SER A 318 38.76 -26.64 11.07
C SER A 318 39.44 -26.57 9.68
N TRP A 319 40.70 -26.11 9.63
CA TRP A 319 41.45 -26.05 8.39
C TRP A 319 42.64 -27.01 8.44
N PHE A 320 42.52 -28.02 9.32
CA PHE A 320 43.48 -29.11 9.50
C PHE A 320 44.84 -28.72 10.08
N SER A 321 45.11 -27.41 10.24
CA SER A 321 46.40 -26.90 10.65
C SER A 321 47.50 -27.28 9.63
N THR A 322 47.08 -27.62 8.41
CA THR A 322 48.00 -28.01 7.34
C THR A 322 47.47 -27.53 6.01
N GLN A 323 47.96 -28.16 4.93
CA GLN A 323 47.52 -27.91 3.56
C GLN A 323 46.03 -27.63 3.42
N VAL A 324 45.72 -26.59 2.68
CA VAL A 324 44.35 -26.18 2.45
C VAL A 324 44.04 -26.04 0.97
N ASP A 325 45.05 -26.17 0.12
CA ASP A 325 44.87 -26.05 -1.32
C ASP A 325 44.07 -27.22 -1.85
N THR A 326 44.24 -28.39 -1.23
CA THR A 326 43.51 -29.58 -1.59
C THR A 326 42.03 -29.31 -1.43
N VAL A 327 41.66 -28.84 -0.24
CA VAL A 327 40.28 -28.52 0.00
C VAL A 327 39.87 -27.25 -0.71
N ALA A 328 40.80 -26.35 -1.01
CA ALA A 328 40.47 -25.15 -1.77
C ALA A 328 39.86 -25.53 -3.10
N THR A 329 40.46 -26.53 -3.74
CA THR A 329 39.95 -27.08 -4.98
C THR A 329 38.59 -27.71 -4.72
N LYS A 330 38.52 -28.47 -3.63
CA LYS A 330 37.29 -29.11 -3.21
C LYS A 330 36.20 -28.08 -2.92
N VAL A 331 36.58 -26.86 -2.49
CA VAL A 331 35.59 -25.81 -2.25
C VAL A 331 34.92 -25.49 -3.53
N LYS A 332 35.73 -25.19 -4.52
CA LYS A 332 35.26 -24.88 -5.86
C LYS A 332 34.33 -25.99 -6.36
N ASP A 333 34.76 -27.21 -6.18
CA ASP A 333 34.00 -28.37 -6.58
C ASP A 333 32.70 -28.47 -5.79
N ALA A 334 32.78 -28.15 -4.50
CA ALA A 334 31.64 -28.12 -3.59
C ALA A 334 30.69 -27.04 -3.98
N LEU A 335 31.20 -25.95 -4.55
CA LEU A 335 30.33 -24.86 -4.92
C LEU A 335 29.32 -25.43 -5.89
N GLU A 336 29.81 -26.26 -6.81
CA GLU A 336 28.94 -26.92 -7.77
C GLU A 336 28.09 -28.04 -7.18
N PHE A 337 28.69 -28.89 -6.34
CA PHE A 337 27.95 -30.00 -5.72
C PHE A 337 26.74 -29.46 -4.98
N TRP A 338 26.99 -28.46 -4.17
CA TRP A 338 25.98 -27.85 -3.37
C TRP A 338 25.11 -26.89 -4.17
N LEU A 339 25.60 -26.41 -5.31
CA LEU A 339 24.75 -25.66 -6.23
C LEU A 339 23.63 -26.57 -6.66
N GLN A 340 24.03 -27.77 -7.05
CA GLN A 340 23.13 -28.81 -7.50
C GLN A 340 22.16 -29.16 -6.38
N ALA A 341 22.65 -29.19 -5.14
CA ALA A 341 21.77 -29.39 -4.02
C ALA A 341 20.77 -28.22 -3.90
N GLY A 342 21.25 -26.98 -4.09
CA GLY A 342 20.38 -25.80 -4.05
C GLY A 342 20.80 -24.79 -2.98
N VAL A 343 22.09 -24.64 -2.74
CA VAL A 343 22.58 -23.73 -1.70
C VAL A 343 23.14 -22.42 -2.24
N ASP A 344 22.48 -21.29 -1.94
CA ASP A 344 22.92 -20.00 -2.48
C ASP A 344 23.96 -19.31 -1.56
N GLY A 345 25.09 -19.98 -1.30
CA GLY A 345 26.12 -19.39 -0.45
C GLY A 345 26.78 -20.35 0.53
N PHE A 346 27.99 -19.99 1.00
CA PHE A 346 28.75 -20.85 1.93
C PHE A 346 29.48 -20.10 3.04
N GLN A 347 29.18 -20.42 4.28
CA GLN A 347 29.87 -19.78 5.37
C GLN A 347 31.31 -20.26 5.49
N VAL A 348 32.20 -19.29 5.72
CA VAL A 348 33.63 -19.53 5.85
C VAL A 348 34.14 -19.05 7.19
N ARG A 349 34.86 -19.90 7.88
CA ARG A 349 35.33 -19.54 9.21
C ARG A 349 36.81 -19.21 9.14
N ASP A 350 37.48 -19.73 10.16
CA ASP A 350 38.65 -19.05 10.65
C ASP A 350 39.85 -19.09 9.70
N ILE A 351 40.05 -17.99 9.01
CA ILE A 351 40.81 -17.22 8.04
C ILE A 351 42.24 -17.16 8.49
N GLU A 352 42.45 -17.03 9.78
CA GLU A 352 43.78 -17.02 10.38
C GLU A 352 44.53 -18.32 10.05
N ASN A 353 43.79 -19.40 9.81
CA ASN A 353 44.36 -20.69 9.48
C ASN A 353 44.36 -20.96 7.99
N LEU A 354 44.13 -19.94 7.17
CA LEU A 354 44.08 -20.11 5.73
C LEU A 354 45.14 -19.38 4.93
N LYS A 355 45.61 -20.08 3.89
CA LYS A 355 46.61 -19.62 2.95
C LYS A 355 46.10 -18.48 2.10
N ASP A 356 46.09 -17.29 2.67
CA ASP A 356 45.54 -16.11 2.01
C ASP A 356 44.13 -16.31 1.56
N ALA A 357 43.27 -16.50 2.54
CA ALA A 357 41.86 -16.64 2.29
C ALA A 357 41.30 -15.46 1.56
N SER A 358 41.91 -14.28 1.67
CA SER A 358 41.33 -13.14 0.99
C SER A 358 41.36 -13.34 -0.52
N SER A 359 42.36 -14.10 -0.99
CA SER A 359 42.46 -14.37 -2.41
C SER A 359 41.56 -15.50 -2.75
N PHE A 360 41.43 -16.43 -1.80
CA PHE A 360 40.56 -17.57 -2.00
C PHE A 360 39.12 -17.13 -2.01
N LEU A 361 38.80 -16.16 -1.21
CA LEU A 361 37.47 -15.67 -1.12
C LEU A 361 37.14 -14.80 -2.30
N ALA A 362 38.11 -14.01 -2.77
CA ALA A 362 37.88 -13.24 -3.99
C ALA A 362 37.57 -14.23 -5.11
N GLU A 363 38.42 -15.24 -5.22
CA GLU A 363 38.30 -16.34 -6.14
C GLU A 363 36.94 -16.99 -6.12
N TRP A 364 36.66 -17.66 -5.01
CA TRP A 364 35.46 -18.43 -4.84
C TRP A 364 34.24 -17.59 -4.95
N GLN A 365 34.29 -16.37 -4.40
CA GLN A 365 33.13 -15.52 -4.47
C GLN A 365 32.80 -15.20 -5.90
N ASN A 366 33.82 -14.94 -6.71
CA ASN A 366 33.60 -14.66 -8.10
C ASN A 366 33.09 -15.89 -8.82
N ILE A 367 33.53 -17.07 -8.39
CA ILE A 367 33.02 -18.30 -8.97
C ILE A 367 31.54 -18.41 -8.64
N THR A 368 31.20 -18.13 -7.39
CA THR A 368 29.83 -18.18 -6.95
C THR A 368 29.01 -17.08 -7.58
N LYS A 369 29.66 -15.95 -7.90
CA LYS A 369 29.06 -14.83 -8.61
C LYS A 369 28.65 -15.29 -9.98
N GLY A 370 29.52 -16.10 -10.59
CA GLY A 370 29.22 -16.72 -11.87
C GLY A 370 27.98 -17.61 -11.74
N PHE A 371 27.89 -18.36 -10.64
CA PHE A 371 26.74 -19.23 -10.43
C PHE A 371 25.46 -18.40 -10.20
N SER A 372 25.57 -17.31 -9.44
CA SER A 372 24.48 -16.35 -9.25
C SER A 372 25.11 -15.13 -8.59
N GLU A 373 24.55 -13.94 -8.79
CA GLU A 373 25.20 -12.70 -8.31
C GLU A 373 25.89 -12.72 -6.92
N ASP A 374 25.34 -13.16 -5.76
CA ASP A 374 24.09 -13.74 -5.18
C ASP A 374 24.53 -14.75 -4.17
N ARG A 375 24.92 -15.94 -4.65
CA ARG A 375 25.44 -16.97 -3.75
C ARG A 375 26.45 -16.30 -2.84
N LEU A 376 26.17 -16.32 -1.54
CA LEU A 376 27.00 -15.57 -0.61
C LEU A 376 27.85 -16.38 0.32
N LEU A 377 29.14 -16.08 0.31
CA LEU A 377 30.02 -16.77 1.22
C LEU A 377 30.10 -15.90 2.47
N ILE A 378 30.41 -16.48 3.62
CA ILE A 378 30.50 -15.63 4.80
C ILE A 378 31.90 -15.57 5.35
N ALA A 379 32.50 -14.41 5.27
CA ALA A 379 33.86 -14.15 5.75
C ALA A 379 33.93 -13.96 7.27
N GLY A 380 33.87 -15.06 8.02
CA GLY A 380 34.00 -14.92 9.46
C GLY A 380 35.42 -15.18 9.92
N THR A 381 35.80 -14.51 11.01
CA THR A 381 37.14 -14.60 11.55
C THR A 381 37.20 -14.49 13.06
N ASN A 382 38.20 -15.12 13.65
CA ASN A 382 38.39 -15.02 15.08
C ASN A 382 39.36 -13.90 15.38
N SER A 383 39.83 -13.23 14.33
CA SER A 383 40.71 -12.11 14.53
C SER A 383 39.90 -10.89 14.90
N SER A 384 40.57 -9.98 15.59
CA SER A 384 40.01 -8.71 15.94
C SER A 384 40.74 -7.58 15.23
N ASP A 385 41.62 -7.93 14.32
CA ASP A 385 42.36 -6.91 13.62
C ASP A 385 41.57 -6.33 12.50
N LEU A 386 40.86 -5.25 12.81
CA LEU A 386 40.06 -4.51 11.85
C LEU A 386 40.78 -4.20 10.55
N GLN A 387 42.08 -3.98 10.61
CA GLN A 387 42.82 -3.62 9.42
C GLN A 387 43.13 -4.84 8.59
N GLN A 388 43.26 -5.99 9.24
CA GLN A 388 43.42 -7.22 8.52
C GLN A 388 42.11 -7.53 7.88
N ILE A 389 41.06 -7.29 8.64
CA ILE A 389 39.71 -7.47 8.19
C ILE A 389 39.47 -6.56 7.00
N LEU A 390 39.97 -5.34 7.09
CA LEU A 390 39.91 -4.42 5.99
C LEU A 390 40.65 -4.98 4.78
N SER A 391 41.86 -5.49 4.97
CA SER A 391 42.59 -6.05 3.84
C SER A 391 41.85 -7.23 3.24
N LEU A 392 41.09 -7.94 4.06
CA LEU A 392 40.30 -9.04 3.54
C LEU A 392 39.24 -8.44 2.62
N LEU A 393 38.69 -7.30 3.05
CA LEU A 393 37.70 -6.54 2.30
C LEU A 393 38.30 -5.89 1.06
N GLU A 394 39.59 -5.60 1.11
CA GLU A 394 40.23 -5.00 -0.04
C GLU A 394 40.32 -6.04 -1.14
N SER A 395 40.59 -7.29 -0.76
CA SER A 395 40.60 -8.37 -1.73
C SER A 395 39.18 -8.75 -2.14
N ASN A 396 38.29 -8.74 -1.16
CA ASN A 396 36.91 -9.12 -1.35
C ASN A 396 35.91 -8.32 -0.53
N LYS A 397 35.21 -7.38 -1.18
CA LYS A 397 34.17 -6.62 -0.48
C LYS A 397 32.93 -7.48 -0.22
N ASP A 398 32.87 -8.55 -1.02
CA ASP A 398 31.59 -9.08 -1.47
C ASP A 398 30.94 -10.00 -0.42
N LEU A 399 31.71 -10.45 0.54
CA LEU A 399 31.18 -11.39 1.53
C LEU A 399 30.59 -10.78 2.77
N LEU A 400 29.92 -11.65 3.54
CA LEU A 400 29.30 -11.25 4.78
C LEU A 400 30.31 -11.50 5.89
N LEU A 401 30.50 -10.53 6.77
CA LEU A 401 31.53 -10.69 7.79
C LEU A 401 31.03 -10.88 9.21
N THR A 402 31.71 -11.77 9.93
CA THR A 402 31.45 -11.98 11.37
C THR A 402 32.81 -11.93 12.06
N SER A 403 32.90 -11.47 13.31
CA SER A 403 34.26 -11.36 13.87
C SER A 403 34.42 -11.06 15.33
N SER A 404 35.49 -11.63 15.90
CA SER A 404 35.86 -11.33 17.29
C SER A 404 36.16 -9.84 17.43
N TYR A 405 36.55 -9.18 16.34
CA TYR A 405 36.65 -7.72 16.38
C TYR A 405 35.42 -7.09 16.98
N LEU A 406 34.25 -7.59 16.65
CA LEU A 406 33.06 -7.01 17.19
C LEU A 406 32.85 -7.45 18.66
N SER A 407 33.38 -8.64 19.06
CA SER A 407 33.37 -9.03 20.49
C SER A 407 34.25 -8.11 21.32
N ASP A 408 35.07 -7.26 20.67
CA ASP A 408 35.93 -6.33 21.36
C ASP A 408 35.10 -5.30 22.12
N SER A 409 33.78 -5.27 21.83
CA SER A 409 32.83 -4.41 22.51
C SER A 409 32.90 -4.60 23.99
N GLY A 410 33.18 -5.85 24.38
CA GLY A 410 33.19 -6.19 25.76
C GLY A 410 31.83 -5.79 26.26
N SER A 411 31.85 -5.24 27.46
CA SER A 411 30.70 -4.70 28.12
C SER A 411 30.86 -3.19 28.33
N THR A 412 31.41 -2.50 27.32
CA THR A 412 31.56 -1.05 27.42
C THR A 412 30.79 -0.35 26.30
N GLY A 413 29.83 0.49 26.69
CA GLY A 413 28.91 1.15 25.77
C GLY A 413 29.52 2.15 24.79
N GLU A 414 30.25 3.14 25.30
CA GLU A 414 30.78 4.17 24.40
C GLU A 414 31.88 3.59 23.54
N HIS A 415 32.62 2.65 24.12
CA HIS A 415 33.62 1.92 23.36
C HIS A 415 33.00 1.21 22.22
N THR A 416 31.93 0.47 22.49
CA THR A 416 31.24 -0.26 21.48
C THR A 416 30.70 0.67 20.41
N LYS A 417 30.16 1.82 20.83
CA LYS A 417 29.70 2.82 19.88
C LYS A 417 30.81 3.16 18.88
N SER A 418 32.01 3.41 19.39
CA SER A 418 33.12 3.74 18.52
C SER A 418 33.57 2.51 17.74
N LEU A 419 33.43 1.32 18.33
CA LEU A 419 33.80 0.07 17.69
C LEU A 419 32.98 -0.06 16.40
N VAL A 420 31.69 0.25 16.53
CA VAL A 420 30.75 0.27 15.42
C VAL A 420 31.18 1.28 14.38
N THR A 421 31.53 2.48 14.85
CA THR A 421 31.98 3.54 13.98
C THR A 421 33.17 3.09 13.16
N GLN A 422 34.13 2.47 13.85
CA GLN A 422 35.36 1.94 13.26
C GLN A 422 35.06 0.90 12.21
N TYR A 423 34.15 -0.02 12.53
CA TYR A 423 33.70 -1.03 11.60
C TYR A 423 33.24 -0.38 10.32
N LEU A 424 32.37 0.61 10.48
CA LEU A 424 31.79 1.33 9.38
C LEU A 424 32.81 2.15 8.63
N ASN A 425 33.82 2.65 9.33
CA ASN A 425 34.87 3.41 8.69
C ASN A 425 35.66 2.53 7.75
N ALA A 426 36.04 1.36 8.24
CA ALA A 426 36.79 0.40 7.44
C ALA A 426 35.92 -0.15 6.32
N THR A 427 34.65 -0.40 6.64
CA THR A 427 33.69 -0.91 5.70
C THR A 427 33.44 0.10 4.60
N GLY A 428 33.36 1.37 4.99
CA GLY A 428 33.11 2.43 4.05
C GLY A 428 31.69 2.28 3.58
N ASN A 429 31.52 2.09 2.28
CA ASN A 429 30.21 1.91 1.72
C ASN A 429 30.00 0.48 1.24
N ARG A 430 30.78 -0.46 1.76
CA ARG A 430 30.63 -1.85 1.38
C ARG A 430 29.43 -2.48 2.06
N TRP A 431 29.11 -3.67 1.62
CA TRP A 431 28.03 -4.45 2.21
C TRP A 431 28.32 -4.68 3.68
N CYS A 432 27.34 -4.38 4.53
CA CYS A 432 27.57 -4.50 5.97
C CYS A 432 26.89 -5.71 6.60
N SER A 433 27.49 -6.15 7.72
CA SER A 433 27.02 -7.32 8.46
C SER A 433 27.49 -7.29 9.90
N TRP A 434 26.74 -7.94 10.81
CA TRP A 434 27.12 -7.83 12.22
C TRP A 434 27.09 -9.10 13.05
N SER A 435 28.18 -9.32 13.75
CA SER A 435 28.32 -10.41 14.72
C SER A 435 29.51 -10.20 15.61
N LEU A 436 29.28 -10.21 16.92
CA LEU A 436 30.34 -10.06 17.90
C LEU A 436 31.36 -11.18 17.80
N SER A 437 30.98 -12.30 17.22
CA SER A 437 31.93 -13.38 17.18
C SER A 437 32.00 -13.93 15.81
N GLN A 438 32.93 -14.84 15.62
CA GLN A 438 33.01 -15.54 14.37
C GLN A 438 31.74 -16.37 14.27
N ALA A 439 31.57 -17.28 15.22
CA ALA A 439 30.40 -18.14 15.32
C ALA A 439 30.24 -18.72 16.71
N ARG A 440 30.07 -17.84 17.69
CA ARG A 440 29.85 -18.22 19.08
C ARG A 440 28.51 -17.72 19.57
N LEU A 441 27.85 -18.53 20.40
CA LEU A 441 26.63 -18.08 21.02
C LEU A 441 26.95 -16.82 21.78
N LEU A 442 26.26 -15.76 21.44
CA LEU A 442 26.50 -14.49 22.07
C LEU A 442 25.81 -14.49 23.39
N THR A 443 24.83 -15.39 23.52
CA THR A 443 24.19 -15.65 24.80
C THR A 443 25.15 -16.31 25.76
N SER A 444 26.12 -17.05 25.24
CA SER A 444 27.13 -17.64 26.09
C SER A 444 28.23 -16.63 26.34
N PHE A 445 28.43 -15.72 25.39
CA PHE A 445 29.42 -14.67 25.53
C PHE A 445 29.05 -13.66 26.64
N LEU A 446 27.88 -13.05 26.56
CA LEU A 446 27.42 -12.10 27.58
C LEU A 446 25.94 -12.30 27.98
N PRO A 447 25.60 -12.00 29.25
CA PRO A 447 24.29 -12.16 29.92
C PRO A 447 23.23 -11.16 29.49
N ALA A 448 21.97 -11.59 29.67
CA ALA A 448 20.69 -10.91 29.34
C ALA A 448 20.74 -9.39 29.40
N GLN A 449 21.24 -8.84 30.49
CA GLN A 449 21.29 -7.39 30.69
C GLN A 449 21.81 -6.65 29.49
N LEU A 450 22.90 -7.14 28.93
CA LEU A 450 23.53 -6.48 27.82
C LEU A 450 23.22 -7.23 26.54
N LEU A 451 23.02 -8.52 26.68
CA LEU A 451 22.69 -9.43 25.59
C LEU A 451 21.50 -9.01 24.79
N ARG A 452 20.41 -8.70 25.49
CA ARG A 452 19.19 -8.26 24.85
C ARG A 452 19.38 -6.92 24.19
N LEU A 453 20.28 -6.12 24.76
CA LEU A 453 20.59 -4.84 24.20
C LEU A 453 21.42 -4.99 22.95
N TYR A 454 22.34 -5.97 22.95
CA TYR A 454 23.18 -6.22 21.79
C TYR A 454 22.33 -6.78 20.67
N GLN A 455 21.38 -7.64 21.03
CA GLN A 455 20.46 -8.23 20.06
C GLN A 455 19.81 -7.11 19.27
N LEU A 456 19.20 -6.18 19.98
CA LEU A 456 18.57 -5.03 19.36
C LEU A 456 19.58 -4.19 18.62
N MET A 457 20.63 -3.79 19.33
CA MET A 457 21.68 -2.92 18.81
C MET A 457 22.17 -3.36 17.47
N LEU A 458 22.77 -4.55 17.44
CA LEU A 458 23.37 -5.12 16.25
C LEU A 458 22.39 -5.17 15.13
N PHE A 459 21.19 -5.59 15.47
CA PHE A 459 20.14 -5.66 14.48
C PHE A 459 19.87 -4.28 13.90
N THR A 460 19.90 -3.27 14.75
CA THR A 460 19.68 -1.90 14.36
C THR A 460 20.95 -1.16 13.93
N LEU A 461 22.00 -1.89 13.53
CA LEU A 461 23.17 -1.24 12.96
C LEU A 461 23.10 -1.46 11.46
N PRO A 462 23.72 -0.59 10.66
CA PRO A 462 23.77 -0.64 9.21
C PRO A 462 24.29 -1.99 8.81
N GLY A 463 23.46 -2.89 8.33
CA GLY A 463 24.01 -4.19 7.97
C GLY A 463 23.05 -5.35 8.17
N THR A 464 23.52 -6.54 7.76
CA THR A 464 22.82 -7.80 8.01
C THR A 464 23.39 -8.41 9.28
N PRO A 465 22.66 -8.40 10.39
CA PRO A 465 23.00 -8.97 11.66
C PRO A 465 22.90 -10.46 11.54
N VAL A 466 23.93 -11.14 11.99
CA VAL A 466 23.94 -12.58 11.93
C VAL A 466 24.29 -13.16 13.28
N PHE A 467 23.42 -14.04 13.73
CA PHE A 467 23.54 -14.65 15.02
C PHE A 467 23.68 -16.14 14.85
N SER A 468 23.82 -16.84 15.94
CA SER A 468 23.86 -18.29 15.87
C SER A 468 22.59 -18.80 16.48
N TYR A 469 22.12 -19.95 16.05
CA TYR A 469 20.90 -20.45 16.65
C TYR A 469 21.09 -20.77 18.08
N GLY A 470 20.16 -20.28 18.87
CA GLY A 470 20.25 -20.40 20.28
C GLY A 470 20.34 -18.98 20.82
N ASP A 471 20.89 -18.08 20.02
CA ASP A 471 21.01 -16.72 20.46
C ASP A 471 19.66 -16.08 20.74
N GLU A 472 18.68 -16.35 19.89
CA GLU A 472 17.37 -15.78 20.08
C GLU A 472 16.62 -16.42 21.26
N ILE A 473 17.12 -17.54 21.78
CA ILE A 473 16.40 -18.15 22.88
C ILE A 473 17.13 -17.90 24.19
N GLY A 474 18.25 -17.18 24.14
CA GLY A 474 19.01 -16.93 25.37
C GLY A 474 19.82 -18.16 25.75
N LEU A 475 20.22 -18.95 24.76
CA LEU A 475 20.90 -20.21 25.02
C LEU A 475 22.30 -20.07 25.54
N ASP A 476 22.45 -19.74 26.80
CA ASP A 476 23.78 -19.67 27.36
C ASP A 476 24.26 -21.05 27.72
N ALA A 477 24.72 -21.78 26.71
CA ALA A 477 25.17 -23.16 26.88
C ALA A 477 26.28 -23.27 27.89
N ALA A 478 27.13 -22.26 27.97
CA ALA A 478 28.21 -22.27 28.96
C ALA A 478 27.64 -22.38 30.39
N ALA A 479 26.46 -21.83 30.61
CA ALA A 479 25.78 -21.86 31.90
C ALA A 479 24.79 -23.03 32.03
N LEU A 480 24.73 -23.91 31.04
CA LEU A 480 23.75 -24.99 31.05
C LEU A 480 24.37 -26.39 31.10
N PRO A 481 24.39 -27.02 32.28
CA PRO A 481 24.83 -28.38 32.52
C PRO A 481 24.14 -29.29 31.52
N GLY A 482 24.92 -30.17 30.91
CA GLY A 482 24.39 -31.05 29.88
C GLY A 482 24.89 -30.63 28.52
N GLN A 483 25.41 -29.41 28.40
CA GLN A 483 25.96 -28.95 27.14
C GLN A 483 27.03 -27.88 27.33
N PRO A 484 28.14 -27.95 26.61
CA PRO A 484 29.22 -26.97 26.53
C PRO A 484 28.89 -25.91 25.51
N MET A 485 29.53 -24.75 25.64
CA MET A 485 29.36 -23.67 24.67
C MET A 485 29.74 -24.16 23.28
N GLU A 486 30.80 -24.96 23.22
CA GLU A 486 31.35 -25.53 22.00
C GLU A 486 30.46 -26.57 21.33
N ALA A 487 29.49 -27.11 22.07
CA ALA A 487 28.55 -28.08 21.51
C ALA A 487 27.25 -27.96 22.28
N PRO A 488 26.53 -26.87 22.05
CA PRO A 488 25.32 -26.43 22.71
C PRO A 488 24.12 -27.23 22.25
N VAL A 489 23.03 -27.10 22.98
CA VAL A 489 21.79 -27.73 22.58
C VAL A 489 20.69 -26.68 22.67
N MET A 490 20.06 -26.42 21.55
CA MET A 490 19.04 -25.41 21.46
C MET A 490 17.77 -25.85 22.13
N LEU A 491 17.71 -25.59 23.42
CA LEU A 491 16.57 -25.96 24.27
C LEU A 491 15.33 -25.11 23.97
N TRP A 492 14.74 -25.33 22.80
CA TRP A 492 13.61 -24.53 22.37
C TRP A 492 12.28 -25.09 22.83
N ASP A 493 12.29 -26.26 23.44
CA ASP A 493 11.05 -26.88 23.86
C ASP A 493 11.12 -27.35 25.31
N GLU A 494 9.97 -27.73 25.82
CA GLU A 494 9.74 -28.05 27.21
C GLU A 494 10.30 -29.35 27.91
N SER A 495 10.49 -30.57 27.35
CA SER A 495 10.39 -31.24 26.03
C SER A 495 11.71 -31.25 25.22
N SER A 496 12.55 -30.22 25.36
CA SER A 496 13.85 -30.27 24.67
C SER A 496 14.96 -30.30 25.70
N PHE A 497 14.61 -30.60 26.95
CA PHE A 497 15.60 -30.56 28.03
C PHE A 497 16.23 -31.87 28.55
N PRO A 498 16.30 -33.02 27.84
CA PRO A 498 16.91 -34.26 28.32
C PRO A 498 18.30 -34.08 28.93
N ASP A 499 19.09 -33.14 28.41
CA ASP A 499 20.43 -32.92 28.95
C ASP A 499 20.43 -32.10 30.23
N ILE A 500 19.33 -31.39 30.48
CA ILE A 500 19.21 -30.54 31.65
C ILE A 500 17.76 -30.53 32.16
N PRO A 501 17.22 -31.73 32.44
CA PRO A 501 15.82 -32.07 32.68
C PRO A 501 15.18 -31.36 33.86
N GLY A 502 14.44 -30.32 33.55
CA GLY A 502 13.68 -29.58 34.56
C GLY A 502 14.45 -28.47 35.23
N ALA A 503 15.71 -28.27 34.85
CA ALA A 503 16.48 -27.20 35.45
C ALA A 503 16.39 -25.92 34.61
N VAL A 504 15.66 -26.01 33.50
CA VAL A 504 15.48 -24.89 32.60
C VAL A 504 13.99 -24.61 32.39
N SER A 505 13.62 -23.34 32.44
CA SER A 505 12.22 -22.96 32.29
C SER A 505 11.80 -22.75 30.84
N ALA A 506 10.52 -22.48 30.68
CA ALA A 506 9.91 -22.17 29.40
C ALA A 506 10.45 -20.88 28.81
N ASN A 507 11.19 -20.08 29.60
CA ASN A 507 11.74 -18.84 29.11
C ASN A 507 12.98 -19.11 28.25
N MET A 508 13.51 -20.32 28.35
CA MET A 508 14.54 -20.73 27.43
C MET A 508 13.86 -21.21 26.19
N THR A 509 12.73 -21.87 26.38
CA THR A 509 12.01 -22.40 25.24
C THR A 509 11.36 -21.29 24.48
N VAL A 510 11.00 -21.56 23.26
CA VAL A 510 10.37 -20.55 22.46
C VAL A 510 8.96 -20.32 22.94
N LYS A 511 8.40 -21.32 23.59
CA LYS A 511 7.05 -21.28 24.09
C LYS A 511 6.87 -20.26 25.20
N GLY A 512 7.73 -20.29 26.22
CA GLY A 512 7.60 -19.30 27.28
C GLY A 512 8.11 -17.98 26.77
N GLN A 513 9.06 -18.02 25.84
CA GLN A 513 9.51 -16.78 25.25
C GLN A 513 8.49 -16.16 24.35
N SER A 514 7.61 -16.96 23.76
CA SER A 514 6.55 -16.40 22.94
C SER A 514 5.60 -15.68 23.87
N GLU A 515 5.38 -16.27 25.03
CA GLU A 515 4.54 -15.69 26.05
C GLU A 515 5.16 -14.39 26.59
N ASP A 516 6.49 -14.38 26.73
CA ASP A 516 7.25 -13.22 27.19
C ASP A 516 7.64 -12.25 26.07
N PRO A 517 6.98 -11.10 25.94
CA PRO A 517 7.13 -10.10 24.89
C PRO A 517 8.52 -9.44 24.90
N GLY A 518 9.21 -9.53 26.03
CA GLY A 518 10.54 -8.94 26.15
C GLY A 518 11.63 -9.99 26.01
N SER A 519 11.26 -11.22 25.73
CA SER A 519 12.23 -12.28 25.57
C SER A 519 13.04 -12.04 24.34
N LEU A 520 14.21 -12.64 24.24
CA LEU A 520 15.02 -12.47 23.04
C LEU A 520 14.28 -12.93 21.81
N LEU A 521 13.50 -13.99 21.96
CA LEU A 521 12.71 -14.52 20.87
C LEU A 521 11.72 -13.50 20.35
N SER A 522 10.91 -12.98 21.28
CA SER A 522 9.84 -12.06 20.95
C SER A 522 10.34 -10.66 20.68
N LEU A 523 11.42 -10.28 21.34
CA LEU A 523 12.07 -9.01 21.10
C LEU A 523 12.54 -9.03 19.68
N PHE A 524 13.28 -10.09 19.35
CA PHE A 524 13.77 -10.29 18.01
C PHE A 524 12.66 -10.38 17.01
N ARG A 525 11.66 -11.19 17.28
CA ARG A 525 10.55 -11.30 16.35
C ARG A 525 9.94 -9.96 16.07
N ARG A 526 9.63 -9.18 17.10
CA ARG A 526 9.07 -7.85 16.92
C ARG A 526 10.00 -6.97 16.10
N LEU A 527 11.28 -7.09 16.40
CA LEU A 527 12.35 -6.36 15.77
C LEU A 527 12.44 -6.69 14.29
N SER A 528 12.40 -7.96 13.97
CA SER A 528 12.42 -8.43 12.60
C SER A 528 11.13 -8.14 11.89
N ASP A 529 10.02 -8.14 12.63
CA ASP A 529 8.72 -7.81 12.08
C ASP A 529 8.80 -6.40 11.58
N GLN A 530 9.37 -5.54 12.40
CA GLN A 530 9.52 -4.16 12.03
C GLN A 530 10.47 -4.00 10.88
N ARG A 531 11.62 -4.71 10.85
CA ARG A 531 12.54 -4.52 9.74
C ARG A 531 11.95 -4.96 8.41
N SER A 532 11.06 -5.95 8.45
CA SER A 532 10.43 -6.42 7.22
C SER A 532 9.59 -5.31 6.58
N LYS A 533 9.21 -4.30 7.36
CA LYS A 533 8.44 -3.18 6.87
C LYS A 533 9.31 -1.93 6.76
N GLU A 534 10.19 -1.75 7.73
CA GLU A 534 11.01 -0.57 7.79
C GLU A 534 12.14 -0.63 6.80
N ARG A 535 11.84 -0.04 5.65
CA ARG A 535 12.73 0.08 4.52
C ARG A 535 14.00 0.82 4.87
N SER A 536 13.92 1.68 5.88
CA SER A 536 15.05 2.42 6.39
C SER A 536 15.93 1.60 7.29
N LEU A 537 15.34 0.62 7.96
CA LEU A 537 16.08 -0.27 8.81
C LEU A 537 16.81 -1.17 7.88
N LEU A 538 16.13 -1.53 6.80
CA LEU A 538 16.75 -2.27 5.77
C LEU A 538 17.85 -1.42 5.18
N HIS A 539 17.54 -0.21 4.71
CA HIS A 539 18.56 0.64 4.13
C HIS A 539 18.41 2.14 4.45
N GLY A 540 19.46 2.69 5.04
CA GLY A 540 19.49 4.10 5.38
C GLY A 540 20.76 4.45 6.14
N ASP A 541 20.97 5.74 6.37
CA ASP A 541 22.15 6.19 7.09
C ASP A 541 21.92 6.32 8.56
N PHE A 542 22.36 5.33 9.33
CA PHE A 542 22.23 5.34 10.78
C PHE A 542 23.25 6.32 11.38
N HIS A 543 23.00 7.61 11.21
CA HIS A 543 23.89 8.68 11.62
C HIS A 543 24.35 8.57 13.05
N ALA A 544 25.64 8.72 13.27
CA ALA A 544 26.23 8.63 14.59
C ALA A 544 25.76 9.75 15.50
N PHE A 545 24.65 9.53 16.18
CA PHE A 545 24.11 10.51 17.11
C PHE A 545 24.81 10.35 18.46
N SER A 546 25.52 11.38 18.89
CA SER A 546 26.23 11.27 20.15
C SER A 546 25.28 11.40 21.32
N ALA A 547 25.64 10.73 22.40
CA ALA A 547 24.83 10.69 23.58
C ALA A 547 25.70 10.28 24.75
N GLY A 548 25.23 10.60 25.96
CA GLY A 548 25.95 10.32 27.21
C GLY A 548 26.46 8.88 27.37
N PRO A 549 27.23 8.63 28.42
CA PRO A 549 27.88 7.38 28.79
C PRO A 549 26.91 6.21 28.82
N GLY A 550 27.12 5.26 27.92
CA GLY A 550 26.30 4.08 27.86
C GLY A 550 25.06 4.32 27.02
N LEU A 551 25.05 5.42 26.27
CA LEU A 551 23.90 5.70 25.44
C LEU A 551 24.22 5.63 23.98
N PHE A 552 23.80 4.54 23.34
CA PHE A 552 24.04 4.40 21.92
C PHE A 552 23.01 5.16 21.20
N SER A 553 23.38 5.82 20.12
CA SER A 553 22.31 6.47 19.44
C SER A 553 22.57 6.77 17.99
N TYR A 554 21.54 6.55 17.19
CA TYR A 554 21.69 6.74 15.76
C TYR A 554 20.49 7.38 15.09
N ILE A 555 20.72 8.26 14.12
CA ILE A 555 19.61 8.83 13.36
C ILE A 555 19.51 8.08 12.08
N ARG A 556 18.47 7.28 11.92
CA ARG A 556 18.37 6.48 10.73
C ARG A 556 17.75 7.29 9.62
N HIS A 557 18.56 7.58 8.62
CA HIS A 557 18.11 8.33 7.48
C HIS A 557 17.61 7.37 6.44
N TRP A 558 16.32 7.14 6.37
CA TRP A 558 15.82 6.28 5.32
C TRP A 558 16.42 6.77 4.04
N ASP A 559 16.87 5.83 3.20
CA ASP A 559 17.39 6.17 1.88
C ASP A 559 16.34 6.86 0.92
N GLN A 560 15.16 7.21 1.46
CA GLN A 560 14.12 8.03 0.86
C GLN A 560 13.67 9.02 1.95
N ASN A 561 12.42 8.99 2.38
CA ASN A 561 12.00 10.01 3.36
C ASN A 561 11.26 9.52 4.62
N GLU A 562 11.99 8.99 5.60
CA GLU A 562 11.43 8.61 6.91
C GLU A 562 12.58 8.50 7.91
N ARG A 563 12.36 8.95 9.15
CA ARG A 563 13.46 9.04 10.09
C ARG A 563 13.30 8.24 11.37
N PHE A 564 14.38 7.62 11.83
CA PHE A 564 14.29 6.85 13.06
C PHE A 564 15.42 7.20 14.04
N LEU A 565 15.21 6.90 15.32
CA LEU A 565 16.24 7.17 16.32
C LEU A 565 16.48 5.99 17.21
N VAL A 566 17.73 5.65 17.36
CA VAL A 566 18.09 4.62 18.29
C VAL A 566 18.56 5.29 19.56
N VAL A 567 18.01 4.91 20.71
CA VAL A 567 18.53 5.34 22.00
C VAL A 567 18.71 4.12 22.86
N LEU A 568 19.94 3.75 23.18
CA LEU A 568 20.09 2.53 23.96
C LEU A 568 20.78 2.73 25.29
N ASN A 569 20.01 2.56 26.36
CA ASN A 569 20.53 2.68 27.72
C ASN A 569 21.24 1.41 28.11
N PHE A 570 22.54 1.43 27.87
CA PHE A 570 23.43 0.32 28.11
C PHE A 570 23.63 0.06 29.58
N GLY A 571 23.35 -1.18 29.98
CA GLY A 571 23.49 -1.59 31.38
C GLY A 571 22.27 -1.19 32.16
N ASP A 572 22.17 -1.69 33.38
CA ASP A 572 21.05 -1.34 34.22
C ASP A 572 21.24 -0.04 34.96
N VAL A 573 21.16 1.07 34.23
CA VAL A 573 21.33 2.39 34.81
C VAL A 573 20.16 3.32 34.46
N GLY A 574 19.58 3.95 35.47
CA GLY A 574 18.47 4.92 35.36
C GLY A 574 18.80 6.28 34.70
N LEU A 575 19.46 6.26 33.55
CA LEU A 575 19.93 7.46 32.86
C LEU A 575 18.82 8.37 32.33
N SER A 576 19.14 9.65 32.18
CA SER A 576 18.20 10.57 31.55
C SER A 576 18.48 10.50 30.06
N ALA A 577 17.65 11.14 29.24
CA ALA A 577 17.83 11.18 27.78
C ALA A 577 19.31 11.22 27.39
N GLY A 578 20.01 12.29 27.76
CA GLY A 578 21.44 12.42 27.46
C GLY A 578 21.67 12.47 25.96
N LEU A 579 20.72 13.04 25.23
CA LEU A 579 20.78 13.06 23.78
C LEU A 579 21.28 14.36 23.19
N GLN A 580 22.45 14.32 22.54
CA GLN A 580 22.95 15.55 21.97
C GLN A 580 22.34 15.84 20.60
N ALA A 581 21.18 16.46 20.62
CA ALA A 581 20.48 16.82 19.38
C ALA A 581 21.32 17.77 18.53
N SER A 582 22.11 18.60 19.20
CA SER A 582 22.93 19.62 18.55
C SER A 582 24.02 19.07 17.66
N ASP A 583 24.33 17.78 17.74
CA ASP A 583 25.35 17.24 16.87
C ASP A 583 24.81 16.87 15.49
N LEU A 584 23.53 17.14 15.23
CA LEU A 584 22.99 16.73 13.97
C LEU A 584 23.04 17.77 12.86
N PRO A 585 23.32 17.32 11.63
CA PRO A 585 23.26 18.03 10.37
C PRO A 585 21.81 18.18 10.00
N ALA A 586 21.51 19.04 9.03
CA ALA A 586 20.13 19.25 8.61
C ALA A 586 19.48 17.94 8.18
N SER A 587 20.23 17.11 7.46
CA SER A 587 19.71 15.85 6.97
C SER A 587 19.31 14.88 8.08
N ALA A 588 19.77 15.15 9.30
CA ALA A 588 19.47 14.33 10.43
C ALA A 588 18.42 14.96 11.33
N SER A 589 17.88 16.10 10.87
CA SER A 589 17.56 17.14 11.87
C SER A 589 16.85 16.54 13.07
N LEU A 590 15.77 15.77 12.83
CA LEU A 590 15.04 14.97 13.81
C LEU A 590 13.93 15.73 14.59
N PRO A 591 12.67 15.23 14.58
CA PRO A 591 11.51 15.63 15.39
C PRO A 591 11.68 15.13 16.83
N ALA A 592 10.94 15.70 17.77
CA ALA A 592 11.04 15.26 19.16
C ALA A 592 10.05 14.14 19.52
N LYS A 593 9.07 13.87 18.65
CA LYS A 593 8.03 12.89 18.98
C LYS A 593 8.42 11.47 18.63
N ALA A 594 9.25 10.91 19.49
CA ALA A 594 9.79 9.58 19.32
C ALA A 594 8.80 8.48 19.44
N ASP A 595 8.16 8.11 18.34
CA ASP A 595 7.21 7.02 18.38
C ASP A 595 7.99 5.79 18.80
N LEU A 596 7.67 5.22 19.95
CA LEU A 596 8.49 4.09 20.36
C LEU A 596 8.13 2.82 19.65
N LEU A 597 9.04 2.38 18.81
CA LEU A 597 8.86 1.14 18.10
C LEU A 597 9.18 -0.04 18.99
N LEU A 598 10.35 -0.02 19.61
CA LEU A 598 10.74 -1.12 20.51
C LEU A 598 11.59 -0.74 21.68
N SER A 599 11.39 -1.44 22.78
CA SER A 599 12.21 -1.19 23.93
C SER A 599 12.37 -2.35 24.88
N THR A 600 13.57 -2.34 25.44
CA THR A 600 14.09 -3.62 25.94
C THR A 600 13.67 -3.80 27.39
N GLN A 601 13.10 -2.75 27.97
CA GLN A 601 12.44 -2.79 29.26
C GLN A 601 10.98 -2.51 28.87
N PRO A 602 10.21 -3.57 28.49
CA PRO A 602 8.90 -3.60 27.84
C PRO A 602 7.82 -2.72 28.45
N GLY A 603 7.96 -2.35 29.72
CA GLY A 603 6.99 -1.50 30.37
C GLY A 603 6.92 -0.10 29.73
N ARG A 604 7.98 0.29 29.02
CA ARG A 604 7.99 1.58 28.35
C ARG A 604 6.96 1.63 27.22
N GLU A 605 6.22 2.73 27.19
CA GLU A 605 5.14 3.06 26.24
C GLU A 605 5.39 2.80 24.75
N GLU A 606 5.56 1.55 24.34
CA GLU A 606 5.78 1.30 22.90
C GLU A 606 4.55 1.75 22.13
N GLY A 607 4.81 2.57 21.11
CA GLY A 607 3.79 3.16 20.26
C GLY A 607 3.62 4.66 20.54
N SER A 608 4.06 5.11 21.72
CA SER A 608 3.91 6.51 22.11
C SER A 608 5.01 7.39 21.54
N PRO A 609 4.68 8.62 21.11
CA PRO A 609 5.53 9.67 20.53
C PRO A 609 6.35 10.35 21.62
N LEU A 610 7.20 9.55 22.27
CA LEU A 610 7.99 9.96 23.41
C LEU A 610 8.79 11.24 23.21
N GLU A 611 8.38 12.28 23.90
CA GLU A 611 9.12 13.54 23.86
C GLU A 611 10.58 13.34 24.18
N LEU A 612 11.43 13.49 23.17
CA LEU A 612 12.86 13.29 23.34
C LEU A 612 13.47 14.24 24.34
N GLU A 613 12.97 15.45 24.40
CA GLU A 613 13.56 16.43 25.29
C GLU A 613 13.11 16.25 26.72
N ARG A 614 12.24 15.27 26.97
CA ARG A 614 11.80 14.97 28.30
C ARG A 614 11.89 13.47 28.48
N LEU A 615 12.78 12.84 27.70
CA LEU A 615 12.92 11.40 27.73
C LEU A 615 13.76 10.91 28.90
N LYS A 616 13.17 10.03 29.69
CA LYS A 616 13.87 9.40 30.78
C LYS A 616 14.22 7.97 30.39
N LEU A 617 15.48 7.60 30.60
CA LEU A 617 15.92 6.27 30.20
C LEU A 617 16.01 5.34 31.39
N GLU A 618 15.82 4.05 31.14
CA GLU A 618 15.77 3.11 32.23
C GLU A 618 16.79 1.99 32.07
N PRO A 619 17.10 1.27 33.14
CA PRO A 619 17.96 0.11 33.20
C PRO A 619 17.71 -0.83 32.03
N HIS A 620 18.78 -1.13 31.28
CA HIS A 620 18.76 -1.99 30.10
C HIS A 620 17.64 -1.58 29.18
N GLU A 621 17.71 -0.36 28.68
CA GLU A 621 16.59 0.13 27.90
C GLU A 621 16.93 0.63 26.51
N GLY A 622 16.77 -0.25 25.53
CA GLY A 622 16.92 0.12 24.15
C GLY A 622 15.67 0.89 23.73
N LEU A 623 15.80 1.75 22.75
CA LEU A 623 14.67 2.51 22.25
C LEU A 623 14.72 2.69 20.75
N LEU A 624 14.01 1.87 20.02
CA LEU A 624 13.93 2.07 18.60
C LEU A 624 12.78 3.02 18.38
N LEU A 625 13.06 4.19 17.82
CA LEU A 625 12.07 5.25 17.70
C LEU A 625 11.72 5.64 16.26
N ARG A 626 10.47 6.03 16.01
CA ARG A 626 10.04 6.45 14.67
C ARG A 626 9.62 7.92 14.57
N PHE A 627 10.13 8.54 13.51
CA PHE A 627 9.88 9.94 13.19
C PHE A 627 9.60 10.13 11.70
N PRO A 628 8.96 11.23 11.33
CA PRO A 628 8.84 11.75 9.99
C PRO A 628 10.22 12.28 9.62
N TYR A 629 10.47 12.49 8.33
CA TYR A 629 11.83 12.82 7.90
C TYR A 629 12.21 14.28 8.00
N ALA A 630 12.37 14.76 9.23
CA ALA A 630 12.84 16.13 9.44
C ALA A 630 14.28 16.24 9.00
N ALA A 631 14.46 16.54 7.72
CA ALA A 631 15.76 16.72 7.12
C ALA A 631 16.05 18.20 6.96
N THR B 45 -33.51 -6.67 -25.15
CA THR B 45 -32.15 -6.14 -25.09
C THR B 45 -31.64 -6.03 -23.65
N LEU B 46 -31.76 -7.12 -22.89
CA LEU B 46 -31.41 -7.06 -21.48
C LEU B 46 -29.91 -7.15 -21.27
N LEU B 47 -29.26 -7.99 -22.06
CA LEU B 47 -27.81 -8.14 -21.97
C LEU B 47 -27.16 -6.90 -22.54
N ASP B 48 -27.86 -6.26 -23.46
CA ASP B 48 -27.40 -5.01 -24.01
C ASP B 48 -27.39 -4.03 -22.86
N GLY B 49 -28.50 -4.01 -22.12
CA GLY B 49 -28.64 -3.19 -20.93
C GLY B 49 -27.51 -3.45 -19.95
N VAL B 50 -27.17 -4.74 -19.76
CA VAL B 50 -26.06 -5.09 -18.88
C VAL B 50 -24.78 -4.42 -19.36
N SER B 51 -24.45 -4.53 -20.64
CA SER B 51 -23.23 -3.91 -21.15
C SER B 51 -23.30 -2.39 -21.06
N LEU B 52 -24.52 -1.84 -21.15
CA LEU B 52 -24.72 -0.41 -21.03
C LEU B 52 -24.52 0.10 -19.61
N ILE B 53 -24.41 -0.80 -18.64
CA ILE B 53 -24.20 -0.39 -17.28
C ILE B 53 -22.90 -0.93 -16.70
N VAL B 54 -22.33 -1.99 -17.28
CA VAL B 54 -21.06 -2.49 -16.71
C VAL B 54 -19.89 -2.08 -17.58
N GLY B 55 -20.16 -1.79 -18.85
CA GLY B 55 -19.12 -1.33 -19.75
C GLY B 55 -18.99 0.17 -19.61
N THR B 56 -19.92 0.78 -18.88
CA THR B 56 -19.98 2.20 -18.66
C THR B 56 -19.57 2.46 -17.22
N ILE B 57 -20.53 2.31 -16.31
CA ILE B 57 -20.29 2.51 -14.90
C ILE B 57 -19.35 1.46 -14.39
N ILE B 58 -18.34 1.88 -13.63
CA ILE B 58 -17.30 1.02 -13.02
C ILE B 58 -15.97 1.75 -12.98
N GLY B 59 -15.16 1.48 -11.97
CA GLY B 59 -13.87 1.63 -11.32
C GLY B 59 -13.54 3.07 -10.96
N ALA B 60 -14.55 3.85 -10.59
CA ALA B 60 -14.33 5.27 -10.27
C ALA B 60 -13.28 5.45 -9.17
N GLY B 61 -13.16 4.46 -8.28
CA GLY B 61 -12.16 4.48 -7.22
C GLY B 61 -11.40 3.17 -7.22
N ILE B 62 -11.23 2.57 -8.39
CA ILE B 62 -10.53 1.29 -8.46
C ILE B 62 -9.07 1.34 -7.98
N PHE B 63 -8.45 2.52 -8.04
CA PHE B 63 -7.08 2.67 -7.55
C PHE B 63 -7.05 3.53 -6.28
N VAL B 64 -8.24 3.76 -5.70
CA VAL B 64 -8.42 4.59 -4.51
C VAL B 64 -8.90 3.73 -3.36
N SER B 65 -9.93 2.94 -3.67
CA SER B 65 -10.60 2.02 -2.77
C SER B 65 -9.81 0.84 -2.21
N PRO B 66 -8.69 0.37 -2.81
CA PRO B 66 -7.81 -0.64 -2.25
C PRO B 66 -7.37 -0.12 -0.89
N LYS B 67 -6.52 0.90 -0.88
CA LYS B 67 -6.13 1.53 0.35
C LYS B 67 -7.35 2.13 1.08
N GLY B 68 -8.39 2.49 0.32
CA GLY B 68 -9.63 3.00 0.89
C GLY B 68 -10.38 1.94 1.70
N VAL B 69 -10.06 0.66 1.54
CA VAL B 69 -10.70 -0.32 2.40
C VAL B 69 -9.67 -1.00 3.28
N LEU B 70 -8.41 -0.96 2.88
CA LEU B 70 -7.38 -1.61 3.66
C LEU B 70 -7.02 -0.80 4.86
N LYS B 71 -6.79 0.49 4.64
CA LYS B 71 -6.42 1.38 5.72
C LYS B 71 -7.62 1.68 6.59
N ASN B 72 -8.80 1.40 6.07
CA ASN B 72 -10.02 1.57 6.80
C ASN B 72 -10.54 0.27 7.45
N THR B 73 -9.79 -0.85 7.31
CA THR B 73 -10.18 -2.10 7.95
C THR B 73 -9.01 -2.77 8.68
N GLY B 74 -8.62 -3.95 8.17
CA GLY B 74 -7.59 -4.78 8.79
C GLY B 74 -8.10 -6.21 8.88
N SER B 75 -7.72 -7.05 7.91
CA SER B 75 -8.18 -8.43 7.82
C SER B 75 -7.28 -9.33 6.94
N VAL B 76 -7.16 -9.09 5.64
CA VAL B 76 -7.76 -8.02 4.86
C VAL B 76 -8.85 -8.58 3.97
N GLY B 77 -9.08 -9.88 4.04
CA GLY B 77 -10.07 -10.53 3.19
C GLY B 77 -11.45 -9.90 3.32
N LEU B 78 -11.83 -9.51 4.53
CA LEU B 78 -13.13 -8.92 4.75
C LEU B 78 -13.31 -7.57 4.03
N SER B 79 -12.19 -6.91 3.68
CA SER B 79 -12.22 -5.65 2.99
C SER B 79 -12.42 -5.85 1.49
N LEU B 80 -12.25 -7.08 1.03
CA LEU B 80 -12.47 -7.43 -0.36
C LEU B 80 -13.95 -7.69 -0.45
N VAL B 81 -14.43 -8.30 0.61
CA VAL B 81 -15.83 -8.62 0.77
C VAL B 81 -16.71 -7.40 0.94
N ILE B 82 -16.13 -6.42 1.64
CA ILE B 82 -16.66 -5.08 1.36
C ILE B 82 -16.98 -4.82 -0.09
N TRP B 83 -16.06 -5.03 -1.03
CA TRP B 83 -16.38 -4.73 -2.42
C TRP B 83 -17.58 -5.58 -2.86
N ALA B 84 -17.61 -6.82 -2.37
CA ALA B 84 -18.74 -7.71 -2.64
C ALA B 84 -20.04 -7.11 -2.09
N VAL B 85 -20.01 -6.67 -0.83
CA VAL B 85 -21.17 -6.03 -0.19
C VAL B 85 -21.63 -4.80 -0.93
N CYS B 86 -20.68 -3.98 -1.37
CA CYS B 86 -20.99 -2.78 -2.11
C CYS B 86 -21.81 -3.16 -3.33
N GLY B 87 -21.38 -4.21 -4.02
CA GLY B 87 -22.11 -4.71 -5.17
C GLY B 87 -23.50 -5.13 -4.74
N VAL B 88 -23.61 -5.89 -3.65
CA VAL B 88 -24.90 -6.33 -3.16
C VAL B 88 -25.85 -5.17 -2.92
N LEU B 89 -25.33 -4.11 -2.34
CA LEU B 89 -26.13 -2.94 -2.10
C LEU B 89 -26.57 -2.31 -3.41
N SER B 90 -25.68 -2.28 -4.40
CA SER B 90 -26.06 -1.72 -5.69
C SER B 90 -27.10 -2.60 -6.36
N LEU B 91 -27.10 -3.89 -6.05
CA LEU B 91 -28.15 -4.78 -6.55
C LEU B 91 -29.46 -4.29 -6.02
N PHE B 92 -29.51 -4.12 -4.71
CA PHE B 92 -30.73 -3.73 -4.03
C PHE B 92 -31.23 -2.39 -4.50
N GLY B 93 -30.31 -1.44 -4.65
CA GLY B 93 -30.68 -0.11 -5.10
C GLY B 93 -31.27 -0.18 -6.48
N ALA B 94 -30.59 -0.90 -7.37
CA ALA B 94 -31.03 -1.04 -8.74
C ALA B 94 -32.37 -1.71 -8.85
N LEU B 95 -32.59 -2.76 -8.06
CA LEU B 95 -33.86 -3.45 -8.07
C LEU B 95 -34.97 -2.51 -7.64
N CYS B 96 -34.65 -1.67 -6.66
CA CYS B 96 -35.59 -0.70 -6.16
C CYS B 96 -35.85 0.36 -7.21
N TYR B 97 -34.82 0.76 -7.94
CA TYR B 97 -34.99 1.74 -8.99
C TYR B 97 -35.90 1.18 -10.08
N ALA B 98 -35.76 -0.12 -10.35
CA ALA B 98 -36.62 -0.78 -11.32
C ALA B 98 -38.06 -0.77 -10.84
N GLU B 99 -38.27 -1.10 -9.56
CA GLU B 99 -39.61 -1.09 -8.99
C GLU B 99 -40.22 0.28 -9.11
N LEU B 100 -39.46 1.31 -8.74
CA LEU B 100 -39.90 2.68 -8.84
C LEU B 100 -40.27 3.04 -10.27
N GLY B 101 -39.44 2.62 -11.22
CA GLY B 101 -39.71 2.85 -12.64
C GLY B 101 -41.05 2.25 -13.04
N THR B 102 -41.36 1.07 -12.53
CA THR B 102 -42.64 0.44 -12.85
C THR B 102 -43.78 1.00 -12.02
N THR B 103 -43.46 1.49 -10.84
CA THR B 103 -44.44 2.09 -9.95
C THR B 103 -44.99 3.33 -10.59
N ILE B 104 -44.08 4.22 -10.91
CA ILE B 104 -44.39 5.45 -11.58
C ILE B 104 -43.49 5.57 -12.77
N PRO B 105 -43.90 5.20 -13.97
CA PRO B 105 -43.17 5.39 -15.22
C PRO B 105 -43.36 6.81 -15.78
N LYS B 106 -44.48 7.42 -15.40
CA LYS B 106 -44.96 8.74 -15.81
C LYS B 106 -43.97 9.68 -16.50
N SER B 107 -43.34 10.54 -15.72
CA SER B 107 -42.48 11.59 -16.24
C SER B 107 -41.10 11.19 -16.78
N GLY B 108 -40.67 9.96 -16.54
CA GLY B 108 -39.29 9.60 -16.88
C GLY B 108 -38.44 9.68 -15.59
N GLY B 109 -38.91 10.51 -14.66
CA GLY B 109 -38.44 10.74 -13.29
C GLY B 109 -37.36 9.90 -12.67
N ALA B 110 -36.20 9.83 -13.28
CA ALA B 110 -35.08 9.09 -12.71
C ALA B 110 -34.89 9.28 -11.18
N TYR B 111 -35.16 10.50 -10.71
CA TYR B 111 -35.72 10.51 -9.35
C TYR B 111 -36.98 11.35 -9.21
N LEU B 112 -37.46 11.98 -10.29
CA LEU B 112 -38.62 12.83 -10.15
C LEU B 112 -39.82 12.00 -9.67
N TYR B 113 -39.77 10.68 -9.88
CA TYR B 113 -40.79 9.79 -9.41
C TYR B 113 -40.91 9.85 -7.88
N ILE B 114 -39.79 10.02 -7.17
CA ILE B 114 -39.93 10.08 -5.73
C ILE B 114 -40.49 11.43 -5.35
N LEU B 115 -40.33 12.41 -6.24
CA LEU B 115 -40.91 13.72 -5.96
C LEU B 115 -42.39 13.59 -6.12
N GLU B 116 -42.79 12.76 -7.07
CA GLU B 116 -44.20 12.52 -7.29
C GLU B 116 -44.78 11.87 -6.03
N THR B 117 -43.93 11.16 -5.26
CA THR B 117 -44.33 10.60 -3.98
C THR B 117 -44.00 11.48 -2.74
N PHE B 118 -43.07 12.44 -2.86
CA PHE B 118 -42.68 13.24 -1.68
C PHE B 118 -42.95 14.74 -1.74
N GLY B 119 -43.21 15.29 -2.91
CA GLY B 119 -43.53 16.46 -3.70
C GLY B 119 -42.27 17.10 -4.29
N PRO B 120 -42.46 18.21 -5.02
CA PRO B 120 -41.51 19.05 -5.75
C PRO B 120 -40.30 19.54 -4.95
N LEU B 121 -40.51 20.07 -3.74
CA LEU B 121 -39.45 20.66 -2.91
C LEU B 121 -38.19 19.75 -2.76
N PRO B 122 -38.33 18.47 -2.39
CA PRO B 122 -37.32 17.43 -2.36
C PRO B 122 -36.46 17.33 -3.64
N ALA B 123 -36.86 17.95 -4.75
CA ALA B 123 -36.06 17.90 -5.98
C ALA B 123 -34.69 18.48 -5.79
N PHE B 124 -34.60 19.56 -5.05
CA PHE B 124 -33.29 20.12 -4.84
C PHE B 124 -32.65 19.41 -3.72
N LEU B 125 -33.47 18.97 -2.77
CA LEU B 125 -32.95 18.15 -1.70
C LEU B 125 -32.21 16.97 -2.32
N ARG B 126 -32.81 16.38 -3.35
CA ARG B 126 -32.23 15.28 -4.07
C ARG B 126 -31.29 15.65 -5.23
N GLY B 127 -31.86 16.08 -6.35
CA GLY B 127 -31.11 16.28 -7.59
C GLY B 127 -30.13 17.42 -7.56
N TRP B 128 -30.59 18.59 -7.13
CA TRP B 128 -29.73 19.75 -7.09
C TRP B 128 -28.56 19.45 -6.20
N ASN B 129 -28.82 18.86 -5.06
CA ASN B 129 -27.76 18.45 -4.19
C ASN B 129 -26.83 17.43 -4.85
N GLU B 130 -27.36 16.50 -5.66
CA GLU B 130 -26.42 15.58 -6.33
C GLU B 130 -25.50 16.39 -7.25
N LEU B 131 -26.07 17.39 -7.91
CA LEU B 131 -25.33 18.28 -8.78
C LEU B 131 -24.30 19.07 -8.01
N LEU B 132 -24.63 19.45 -6.78
CA LEU B 132 -23.68 20.16 -5.91
C LEU B 132 -22.60 19.23 -5.43
N ILE B 133 -23.04 18.00 -5.27
CA ILE B 133 -22.30 17.22 -4.33
C ILE B 133 -21.60 16.11 -5.06
N ILE B 134 -22.40 15.14 -5.50
CA ILE B 134 -21.88 13.92 -6.07
C ILE B 134 -21.25 14.07 -7.41
N ARG B 135 -21.94 14.73 -8.31
CA ARG B 135 -21.43 14.85 -9.66
C ARG B 135 -19.99 15.38 -9.70
N PRO B 136 -19.71 16.60 -9.23
CA PRO B 136 -18.40 17.21 -9.28
C PRO B 136 -17.45 16.64 -8.25
N ALA B 137 -17.95 16.04 -7.16
CA ALA B 137 -17.03 15.42 -6.23
C ALA B 137 -16.43 14.21 -6.87
N SER B 138 -17.26 13.45 -7.58
CA SER B 138 -16.79 12.27 -8.27
C SER B 138 -15.96 12.68 -9.45
N THR B 139 -16.31 13.80 -10.05
CA THR B 139 -15.57 14.31 -11.17
C THR B 139 -14.18 14.65 -10.67
N ALA B 140 -14.13 15.33 -9.53
CA ALA B 140 -12.89 15.74 -8.93
C ALA B 140 -12.07 14.54 -8.54
N VAL B 141 -12.64 13.60 -7.80
CA VAL B 141 -11.86 12.44 -7.38
C VAL B 141 -11.30 11.68 -8.55
N ILE B 142 -12.11 11.46 -9.56
CA ILE B 142 -11.67 10.75 -10.75
C ILE B 142 -10.57 11.47 -11.49
N SER B 143 -10.74 12.77 -11.68
CA SER B 143 -9.73 13.56 -12.35
C SER B 143 -8.48 13.76 -11.51
N LEU B 144 -8.63 13.73 -10.20
CA LEU B 144 -7.49 13.81 -9.32
C LEU B 144 -6.74 12.49 -9.35
N ALA B 145 -7.51 11.40 -9.45
CA ALA B 145 -6.94 10.05 -9.58
C ALA B 145 -6.18 9.98 -10.88
N PHE B 146 -6.75 10.58 -11.92
CA PHE B 146 -6.09 10.75 -13.19
C PHE B 146 -4.77 11.44 -13.04
N GLY B 147 -4.79 12.60 -12.38
CA GLY B 147 -3.58 13.36 -12.16
C GLY B 147 -2.54 12.54 -11.40
N ASN B 148 -3.00 11.80 -10.39
CA ASN B 148 -2.14 10.96 -9.58
C ASN B 148 -1.46 9.92 -10.45
N TYR B 149 -2.24 9.24 -11.29
CA TYR B 149 -1.69 8.28 -12.21
C TYR B 149 -0.63 8.93 -13.07
N ILE B 150 -0.98 10.07 -13.67
CA ILE B 150 -0.07 10.77 -14.55
C ILE B 150 1.23 11.20 -13.93
N LEU B 151 1.23 11.65 -12.67
CA LEU B 151 2.48 12.07 -12.03
C LEU B 151 3.47 10.91 -11.93
N GLU B 152 2.88 9.79 -11.55
CA GLU B 152 3.74 8.86 -10.84
C GLU B 152 4.86 8.20 -11.69
N PRO B 153 4.66 7.82 -12.97
CA PRO B 153 5.68 7.31 -13.89
C PRO B 153 6.89 8.24 -14.04
N PHE B 154 6.71 9.52 -13.72
CA PHE B 154 7.79 10.49 -13.82
C PHE B 154 8.37 10.82 -12.44
N PHE B 155 7.78 10.20 -11.42
CA PHE B 155 8.15 10.28 -10.03
C PHE B 155 8.24 8.90 -9.34
N PRO B 156 8.54 7.79 -10.05
CA PRO B 156 8.36 6.38 -9.65
C PRO B 156 9.30 5.88 -8.57
N THR B 157 9.44 6.64 -7.51
CA THR B 157 10.25 6.33 -6.37
C THR B 157 9.46 6.56 -5.09
N CYS B 158 8.52 7.51 -5.15
CA CYS B 158 7.63 7.82 -4.03
C CYS B 158 6.40 8.58 -4.52
N GLU B 159 5.31 8.52 -3.76
CA GLU B 159 4.11 9.29 -4.10
C GLU B 159 4.42 10.79 -4.13
N PRO B 160 4.22 11.46 -5.28
CA PRO B 160 4.44 12.87 -5.52
C PRO B 160 3.41 13.73 -4.79
N PRO B 161 3.77 14.97 -4.44
CA PRO B 161 3.01 15.99 -3.75
C PRO B 161 2.01 16.70 -4.66
N GLU B 162 1.18 17.54 -4.05
CA GLU B 162 0.23 18.35 -4.81
C GLU B 162 0.96 19.14 -5.88
N LEU B 163 0.75 18.73 -7.11
CA LEU B 163 1.38 19.31 -8.27
C LEU B 163 0.36 19.29 -9.40
N ALA B 164 0.73 18.67 -10.53
CA ALA B 164 -0.13 18.55 -11.67
C ALA B 164 -1.40 17.79 -11.31
N ILE B 165 -1.31 16.88 -10.31
CA ILE B 165 -2.48 16.16 -9.82
C ILE B 165 -3.75 17.00 -9.73
N LYS B 166 -3.60 18.29 -9.42
CA LYS B 166 -4.73 19.17 -9.31
C LYS B 166 -4.73 20.12 -10.49
N LEU B 167 -3.55 20.62 -10.85
CA LEU B 167 -3.47 21.61 -11.91
C LEU B 167 -3.82 21.01 -13.26
N LEU B 168 -3.20 19.89 -13.58
CA LEU B 168 -3.46 19.18 -14.81
C LEU B 168 -4.85 18.66 -14.78
N ALA B 169 -5.27 18.14 -13.64
CA ALA B 169 -6.64 17.64 -13.53
C ALA B 169 -7.62 18.73 -13.97
N ALA B 170 -7.43 19.96 -13.47
CA ALA B 170 -8.29 21.07 -13.86
C ALA B 170 -8.21 21.35 -15.34
N VAL B 171 -6.98 21.35 -15.88
CA VAL B 171 -6.75 21.55 -17.30
C VAL B 171 -7.48 20.51 -18.12
N GLY B 172 -7.39 19.26 -17.67
CA GLY B 172 -8.03 18.13 -18.29
C GLY B 172 -9.54 18.32 -18.28
N ILE B 173 -10.10 18.72 -17.15
CA ILE B 173 -11.53 18.94 -17.08
C ILE B 173 -11.98 19.98 -18.05
N LEU B 174 -11.24 21.07 -18.10
CA LEU B 174 -11.58 22.14 -19.01
C LEU B 174 -11.48 21.67 -20.43
N LEU B 175 -10.44 20.89 -20.73
CA LEU B 175 -10.27 20.32 -22.04
C LEU B 175 -11.47 19.46 -22.40
N LEU B 176 -11.87 18.62 -21.47
CA LEU B 176 -13.02 17.78 -21.66
C LEU B 176 -14.29 18.57 -21.87
N THR B 177 -14.45 19.71 -21.19
CA THR B 177 -15.67 20.49 -21.45
C THR B 177 -15.60 21.08 -22.84
N VAL B 178 -14.39 21.34 -23.33
CA VAL B 178 -14.21 21.81 -24.69
C VAL B 178 -14.56 20.70 -25.65
N LEU B 179 -14.10 19.49 -25.36
CA LEU B 179 -14.39 18.33 -26.17
C LEU B 179 -15.88 18.07 -26.18
N ASN B 180 -16.52 18.30 -25.04
CA ASN B 180 -17.94 18.11 -24.91
C ASN B 180 -18.69 19.21 -25.64
N SER B 181 -18.11 20.42 -25.65
CA SER B 181 -18.73 21.54 -26.35
C SER B 181 -18.59 21.35 -27.84
N LEU B 182 -17.57 20.61 -28.27
CA LEU B 182 -17.47 20.28 -29.67
C LEU B 182 -18.57 19.30 -29.99
N SER B 183 -19.48 19.69 -30.91
CA SER B 183 -20.64 18.88 -31.32
C SER B 183 -20.64 17.49 -30.71
N VAL B 184 -21.35 17.37 -29.58
CA VAL B 184 -21.47 16.18 -28.71
C VAL B 184 -21.15 14.84 -29.33
N LYS B 185 -21.62 14.57 -30.54
CA LYS B 185 -21.35 13.29 -31.18
C LYS B 185 -19.86 12.98 -31.27
N TRP B 186 -19.03 14.02 -31.31
CA TRP B 186 -17.60 13.83 -31.38
C TRP B 186 -17.11 13.44 -30.04
N SER B 187 -17.65 14.06 -29.00
CA SER B 187 -17.25 13.72 -27.66
C SER B 187 -17.71 12.33 -27.34
N ALA B 188 -18.81 11.92 -27.97
CA ALA B 188 -19.33 10.58 -27.79
C ALA B 188 -18.35 9.60 -28.39
N ARG B 189 -17.79 9.92 -29.57
CA ARG B 189 -16.81 9.03 -30.17
C ARG B 189 -15.56 9.00 -29.34
N VAL B 190 -15.20 10.15 -28.81
CA VAL B 190 -14.06 10.26 -27.92
C VAL B 190 -14.30 9.42 -26.67
N GLN B 191 -15.52 9.47 -26.14
CA GLN B 191 -15.91 8.64 -25.02
C GLN B 191 -15.91 7.17 -25.41
N ASP B 192 -16.28 6.86 -26.65
CA ASP B 192 -16.22 5.48 -27.10
C ASP B 192 -14.77 5.00 -27.07
N PHE B 193 -13.86 5.90 -27.46
CA PHE B 193 -12.44 5.61 -27.45
C PHE B 193 -11.99 5.41 -26.01
N PHE B 194 -12.57 6.20 -25.09
CA PHE B 194 -12.30 6.08 -23.66
C PHE B 194 -12.75 4.73 -23.17
N THR B 195 -13.88 4.32 -23.77
CA THR B 195 -14.68 3.31 -23.11
C THR B 195 -14.02 1.98 -23.44
N ALA B 196 -13.63 1.84 -24.71
CA ALA B 196 -12.90 0.66 -25.15
C ALA B 196 -11.59 0.56 -24.39
N ALA B 197 -10.86 1.68 -24.27
CA ALA B 197 -9.61 1.70 -23.53
C ALA B 197 -9.86 1.47 -22.05
N LYS B 198 -11.02 1.91 -21.55
CA LYS B 198 -11.44 1.71 -20.17
C LYS B 198 -11.61 0.24 -19.86
N LEU B 199 -12.18 -0.47 -20.81
CA LEU B 199 -12.41 -1.88 -20.68
C LEU B 199 -11.22 -2.68 -21.22
N LEU B 200 -10.21 -1.88 -21.56
CA LEU B 200 -8.86 -2.40 -21.42
C LEU B 200 -8.16 -2.01 -20.11
N ALA B 201 -8.49 -0.84 -19.56
CA ALA B 201 -7.89 -0.35 -18.31
C ALA B 201 -8.12 -1.33 -17.20
N LEU B 202 -9.28 -1.96 -17.21
CA LEU B 202 -9.57 -2.97 -16.22
C LEU B 202 -8.68 -4.19 -16.45
N LEU B 203 -8.55 -4.57 -17.72
CA LEU B 203 -7.83 -5.77 -18.12
C LEU B 203 -6.32 -5.68 -17.95
N ILE B 204 -5.75 -4.50 -18.14
CA ILE B 204 -4.31 -4.30 -17.92
C ILE B 204 -3.93 -4.46 -16.44
N ILE B 205 -4.91 -4.56 -15.56
CA ILE B 205 -4.66 -4.83 -14.18
C ILE B 205 -5.05 -6.28 -13.91
N ILE B 206 -6.27 -6.62 -14.27
CA ILE B 206 -6.81 -7.93 -14.03
C ILE B 206 -6.11 -9.08 -14.72
N VAL B 207 -5.83 -8.95 -16.02
CA VAL B 207 -5.22 -10.06 -16.73
C VAL B 207 -3.84 -10.45 -16.19
N PRO B 208 -2.90 -9.52 -15.96
CA PRO B 208 -1.64 -9.76 -15.28
C PRO B 208 -1.90 -10.40 -13.92
N GLY B 209 -2.97 -9.95 -13.25
CA GLY B 209 -3.39 -10.56 -11.99
C GLY B 209 -3.68 -12.04 -12.18
N VAL B 210 -4.36 -12.37 -13.28
CA VAL B 210 -4.66 -13.75 -13.62
C VAL B 210 -3.38 -14.51 -13.89
N VAL B 211 -2.42 -13.89 -14.55
CA VAL B 211 -1.14 -14.53 -14.79
C VAL B 211 -0.50 -14.93 -13.45
N GLN B 212 -0.56 -14.02 -12.49
CA GLN B 212 -0.02 -14.26 -11.16
C GLN B 212 -0.82 -15.35 -10.45
N LEU B 213 -2.14 -15.35 -10.65
CA LEU B 213 -3.02 -16.38 -10.13
C LEU B 213 -2.56 -17.74 -10.64
N ILE B 214 -2.29 -17.81 -11.94
CA ILE B 214 -1.79 -19.01 -12.59
C ILE B 214 -0.46 -19.42 -11.94
N LYS B 215 0.41 -18.46 -11.67
CA LYS B 215 1.67 -18.74 -11.00
C LYS B 215 1.43 -19.33 -9.61
N GLY B 216 0.34 -18.93 -8.96
CA GLY B 216 -0.01 -19.45 -7.65
C GLY B 216 0.27 -18.43 -6.58
N GLN B 217 0.26 -17.16 -6.96
CA GLN B 217 0.56 -16.09 -6.03
C GLN B 217 -0.50 -15.98 -4.97
N THR B 218 -1.71 -16.44 -5.28
CA THR B 218 -2.80 -16.50 -4.31
C THR B 218 -2.39 -17.32 -3.10
N GLN B 219 -1.62 -18.38 -3.33
CA GLN B 219 -1.20 -19.22 -2.24
C GLN B 219 -0.05 -18.52 -1.54
N ASN B 220 0.77 -17.82 -2.31
CA ASN B 220 1.88 -17.08 -1.74
C ASN B 220 1.37 -15.96 -0.83
N PHE B 221 0.22 -15.39 -1.18
CA PHE B 221 -0.39 -14.34 -0.39
C PHE B 221 -1.66 -14.83 0.32
N LYS B 222 -1.71 -16.14 0.58
CA LYS B 222 -2.84 -16.77 1.25
C LYS B 222 -2.98 -16.36 2.70
N ASP B 223 -1.96 -15.69 3.24
CA ASP B 223 -1.99 -15.24 4.61
C ASP B 223 -3.01 -14.11 4.86
N ALA B 224 -3.61 -13.55 3.81
CA ALA B 224 -4.68 -12.58 4.00
C ALA B 224 -5.86 -13.37 4.54
N PHE B 225 -6.63 -12.81 5.48
CA PHE B 225 -7.69 -13.65 6.03
C PHE B 225 -8.99 -12.92 6.36
N GLU B 226 -9.96 -13.71 6.78
CA GLU B 226 -11.26 -13.24 7.19
C GLU B 226 -11.59 -13.78 8.57
N GLY B 227 -12.56 -13.16 9.22
CA GLY B 227 -12.96 -13.58 10.55
C GLY B 227 -14.32 -13.01 10.89
N SER B 228 -14.47 -12.58 12.14
CA SER B 228 -15.71 -12.02 12.63
C SER B 228 -15.44 -11.01 13.71
N ASP B 229 -16.27 -9.97 13.75
CA ASP B 229 -16.10 -8.91 14.72
C ASP B 229 -17.37 -8.65 15.51
N PRO B 230 -17.50 -9.22 16.70
CA PRO B 230 -18.58 -9.09 17.68
C PRO B 230 -18.91 -7.62 17.98
N SER B 231 -17.90 -6.76 17.97
CA SER B 231 -18.09 -5.35 18.26
C SER B 231 -18.55 -4.58 17.02
N ILE B 232 -18.42 -5.19 15.86
CA ILE B 232 -18.80 -4.64 14.57
C ILE B 232 -18.09 -3.32 14.26
N GLY B 233 -16.80 -3.42 13.94
CA GLY B 233 -15.99 -2.26 13.59
C GLY B 233 -15.99 -2.02 12.09
N GLY B 234 -14.95 -1.34 11.62
CA GLY B 234 -14.82 -1.00 10.21
C GLY B 234 -14.99 0.49 10.03
N LEU B 235 -15.03 0.96 8.79
CA LEU B 235 -15.18 2.39 8.58
C LEU B 235 -15.97 2.61 7.27
N PRO B 236 -17.11 3.34 7.31
CA PRO B 236 -18.11 3.58 6.27
C PRO B 236 -17.59 3.99 4.91
N LEU B 237 -16.51 4.77 4.86
CA LEU B 237 -15.93 5.15 3.59
C LEU B 237 -15.44 3.94 2.83
N ALA B 238 -14.95 2.93 3.58
CA ALA B 238 -14.54 1.69 2.97
C ALA B 238 -15.75 1.02 2.40
N PHE B 239 -16.81 1.04 3.18
CA PHE B 239 -18.08 0.44 2.80
C PHE B 239 -18.72 1.19 1.65
N TYR B 240 -18.41 2.47 1.53
CA TYR B 240 -18.87 3.26 0.40
C TYR B 240 -18.12 2.84 -0.85
N SER B 241 -16.84 2.56 -0.61
CA SER B 241 -15.87 2.84 -1.67
C SER B 241 -16.05 1.96 -2.91
N GLY B 242 -16.58 0.75 -2.74
CA GLY B 242 -16.83 -0.14 -3.87
C GLY B 242 -18.02 0.40 -4.67
N LEU B 243 -18.98 0.93 -3.95
CA LEU B 243 -20.14 1.57 -4.52
C LEU B 243 -19.66 2.79 -5.20
N TYR B 244 -18.77 3.52 -4.54
CA TYR B 244 -18.18 4.67 -5.21
C TYR B 244 -17.62 4.28 -6.56
N ALA B 245 -16.83 3.21 -6.59
CA ALA B 245 -16.26 2.74 -7.83
C ALA B 245 -17.33 2.41 -8.86
N TYR B 246 -18.46 1.85 -8.42
CA TYR B 246 -19.52 1.53 -9.37
C TYR B 246 -20.87 2.15 -8.95
N VAL B 247 -21.08 3.41 -9.33
CA VAL B 247 -22.29 4.17 -9.01
C VAL B 247 -22.72 4.99 -10.23
N GLY B 248 -24.03 5.17 -10.43
CA GLY B 248 -24.53 5.86 -11.62
C GLY B 248 -25.50 4.96 -12.36
N TRP B 249 -25.25 3.65 -12.23
CA TRP B 249 -26.10 2.58 -12.70
C TRP B 249 -27.51 2.84 -12.29
N ASP B 250 -27.58 3.29 -11.06
CA ASP B 250 -28.72 3.78 -10.34
C ASP B 250 -29.76 4.46 -11.21
N TYR B 251 -29.29 5.27 -12.14
CA TYR B 251 -30.16 6.03 -13.00
C TYR B 251 -30.21 5.39 -14.36
N LEU B 252 -29.16 4.65 -14.69
CA LEU B 252 -29.15 3.87 -15.92
C LEU B 252 -30.21 2.77 -15.87
N ASN B 253 -30.71 2.47 -14.67
CA ASN B 253 -31.82 1.55 -14.48
C ASN B 253 -33.04 2.04 -15.23
N PHE B 254 -33.22 3.37 -15.26
CA PHE B 254 -34.35 3.96 -15.92
C PHE B 254 -34.07 3.96 -17.39
N VAL B 255 -32.81 4.08 -17.74
CA VAL B 255 -32.44 3.96 -19.13
C VAL B 255 -32.79 2.57 -19.61
N THR B 256 -32.45 1.53 -18.82
CA THR B 256 -32.75 0.15 -19.21
C THR B 256 -34.26 -0.11 -19.24
N GLU B 257 -35.01 0.65 -18.43
CA GLU B 257 -36.47 0.61 -18.45
C GLU B 257 -36.94 1.14 -19.80
N GLU B 258 -36.33 2.24 -20.22
CA GLU B 258 -36.60 2.89 -21.50
C GLU B 258 -36.12 2.08 -22.72
N VAL B 259 -35.00 1.38 -22.55
CA VAL B 259 -34.42 0.56 -23.61
C VAL B 259 -35.34 -0.58 -24.02
N LYS B 260 -35.40 -0.81 -25.34
CA LYS B 260 -36.24 -1.85 -25.93
C LYS B 260 -36.08 -3.23 -25.29
N ASN B 261 -36.87 -3.45 -24.26
CA ASN B 261 -36.95 -4.73 -23.58
C ASN B 261 -38.12 -4.69 -22.61
N PRO B 262 -38.63 -5.83 -22.17
CA PRO B 262 -39.65 -5.99 -21.15
C PRO B 262 -39.13 -5.43 -19.85
N GLU B 263 -39.93 -4.60 -19.20
CA GLU B 263 -39.51 -4.00 -17.93
C GLU B 263 -39.38 -5.06 -16.86
N LYS B 264 -40.12 -6.15 -17.03
CA LYS B 264 -40.06 -7.28 -16.11
C LYS B 264 -38.72 -7.99 -16.19
N ASN B 265 -37.97 -7.75 -17.27
CA ASN B 265 -36.70 -8.40 -17.43
C ASN B 265 -35.54 -7.47 -17.10
N ILE B 266 -35.80 -6.21 -16.73
CA ILE B 266 -34.63 -5.41 -16.44
C ILE B 266 -34.03 -5.79 -15.09
N PRO B 267 -34.80 -6.30 -14.08
CA PRO B 267 -34.32 -6.87 -12.84
C PRO B 267 -33.40 -8.01 -13.14
N LEU B 268 -33.70 -8.75 -14.20
CA LEU B 268 -32.86 -9.86 -14.57
C LEU B 268 -31.52 -9.34 -15.02
N ALA B 269 -31.54 -8.27 -15.83
CA ALA B 269 -30.31 -7.64 -16.27
C ALA B 269 -29.54 -7.12 -15.05
N ILE B 270 -30.28 -6.57 -14.09
CA ILE B 270 -29.74 -6.08 -12.83
C ILE B 270 -29.09 -7.19 -12.02
N VAL B 271 -29.80 -8.31 -11.88
CA VAL B 271 -29.31 -9.48 -11.20
C VAL B 271 -28.10 -10.06 -11.88
N ILE B 272 -28.07 -10.02 -13.21
CA ILE B 272 -26.91 -10.48 -13.94
C ILE B 272 -25.70 -9.57 -13.75
N SER B 273 -25.92 -8.29 -13.93
CA SER B 273 -24.86 -7.32 -13.90
C SER B 273 -24.20 -7.09 -12.55
N MET B 274 -24.95 -7.15 -11.46
CA MET B 274 -24.33 -6.89 -10.18
C MET B 274 -23.21 -7.88 -9.83
N PRO B 275 -23.41 -9.20 -9.88
CA PRO B 275 -22.40 -10.19 -9.59
C PRO B 275 -21.29 -10.09 -10.60
N ILE B 276 -21.57 -9.64 -11.83
CA ILE B 276 -20.48 -9.42 -12.76
C ILE B 276 -19.54 -8.38 -12.18
N VAL B 277 -20.12 -7.32 -11.63
CA VAL B 277 -19.34 -6.27 -11.00
C VAL B 277 -18.56 -6.78 -9.81
N THR B 278 -19.19 -7.61 -8.98
CA THR B 278 -18.47 -8.13 -7.83
C THR B 278 -17.39 -9.10 -8.26
N VAL B 279 -17.61 -9.79 -9.37
CA VAL B 279 -16.57 -10.65 -9.91
C VAL B 279 -15.41 -9.81 -10.36
N ALA B 280 -15.72 -8.72 -11.05
CA ALA B 280 -14.70 -7.80 -11.50
C ALA B 280 -13.95 -7.25 -10.29
N TYR B 281 -14.69 -6.99 -9.21
CA TYR B 281 -14.08 -6.52 -7.98
C TYR B 281 -13.14 -7.54 -7.39
N VAL B 282 -13.54 -8.80 -7.43
CA VAL B 282 -12.69 -9.87 -6.96
C VAL B 282 -11.47 -10.02 -7.82
N LEU B 283 -11.66 -10.00 -9.14
CA LEU B 283 -10.58 -10.13 -10.09
C LEU B 283 -9.59 -9.01 -9.93
N THR B 284 -10.12 -7.83 -9.66
CA THR B 284 -9.33 -6.67 -9.41
C THR B 284 -8.51 -6.88 -8.16
N ASN B 285 -9.16 -7.41 -7.13
CA ASN B 285 -8.50 -7.72 -5.88
C ASN B 285 -7.44 -8.80 -6.09
N VAL B 286 -7.73 -9.79 -6.94
CA VAL B 286 -6.76 -10.83 -7.25
C VAL B 286 -5.51 -10.19 -7.76
N ALA B 287 -5.65 -9.31 -8.73
CA ALA B 287 -4.52 -8.60 -9.27
C ALA B 287 -3.78 -7.85 -8.16
N TYR B 288 -4.54 -7.23 -7.28
CA TYR B 288 -4.00 -6.49 -6.16
C TYR B 288 -3.33 -7.35 -5.09
N PHE B 289 -3.65 -8.64 -5.06
CA PHE B 289 -3.03 -9.51 -4.07
C PHE B 289 -2.19 -10.61 -4.68
N THR B 290 -2.10 -10.65 -6.01
CA THR B 290 -1.26 -11.66 -6.66
C THR B 290 -0.12 -11.00 -7.42
N THR B 291 -0.36 -9.79 -7.92
CA THR B 291 0.70 -9.02 -8.55
C THR B 291 1.30 -8.14 -7.48
N LEU B 292 0.42 -7.41 -6.81
CA LEU B 292 0.80 -6.56 -5.70
C LEU B 292 0.70 -7.28 -4.38
N SER B 293 1.50 -6.82 -3.43
CA SER B 293 1.40 -7.35 -2.09
C SER B 293 0.45 -6.44 -1.32
N PRO B 294 -0.12 -6.92 -0.22
CA PRO B 294 -0.96 -6.20 0.73
C PRO B 294 -0.25 -4.92 1.18
N GLU B 295 1.06 -5.01 1.36
CA GLU B 295 1.85 -3.88 1.78
C GLU B 295 1.99 -2.86 0.68
N GLU B 296 2.17 -3.34 -0.55
CA GLU B 296 2.28 -2.42 -1.68
C GLU B 296 1.00 -1.63 -1.87
N LEU B 297 -0.12 -2.25 -1.54
CA LEU B 297 -1.40 -1.57 -1.60
C LEU B 297 -1.55 -0.48 -0.52
N LEU B 298 -0.63 -0.44 0.43
CA LEU B 298 -0.64 0.54 1.49
C LEU B 298 0.32 1.68 1.18
N LEU B 299 0.86 1.71 -0.02
CA LEU B 299 1.80 2.75 -0.41
C LEU B 299 1.15 4.09 -0.82
N SER B 300 -0.16 4.25 -0.57
CA SER B 300 -0.87 5.50 -0.78
C SER B 300 -0.64 6.16 -2.13
N ASN B 301 -0.90 5.43 -3.20
CA ASN B 301 -0.66 6.01 -4.51
C ASN B 301 -1.58 5.40 -5.55
N ALA B 302 -1.43 5.87 -6.79
CA ALA B 302 -2.14 5.26 -7.89
C ALA B 302 -1.54 3.89 -8.09
N VAL B 303 -2.11 2.91 -7.39
CA VAL B 303 -1.60 1.56 -7.41
C VAL B 303 -1.57 0.95 -8.82
N ALA B 304 -2.20 1.59 -9.81
CA ALA B 304 -2.07 1.18 -11.19
C ALA B 304 -0.61 1.24 -11.62
N VAL B 305 0.06 2.28 -11.16
CA VAL B 305 1.45 2.52 -11.48
C VAL B 305 2.30 1.55 -10.72
N THR B 306 2.02 1.42 -9.42
CA THR B 306 2.77 0.48 -8.58
C THR B 306 2.63 -0.92 -9.17
N PHE B 307 1.40 -1.24 -9.58
CA PHE B 307 1.05 -2.49 -10.21
C PHE B 307 1.92 -2.68 -11.42
N GLY B 308 1.94 -1.65 -12.27
CA GLY B 308 2.76 -1.67 -13.47
C GLY B 308 4.21 -1.94 -13.13
N GLU B 309 4.72 -1.31 -12.08
CA GLU B 309 6.11 -1.49 -11.66
C GLU B 309 6.43 -2.95 -11.34
N ARG B 310 5.41 -3.73 -10.98
CA ARG B 310 5.56 -5.15 -10.69
C ARG B 310 5.49 -6.03 -11.94
N LEU B 311 5.38 -5.41 -13.12
CA LEU B 311 5.28 -6.16 -14.36
C LEU B 311 6.58 -6.14 -15.14
N LEU B 312 6.75 -7.16 -15.99
CA LEU B 312 7.96 -7.34 -16.78
C LEU B 312 7.97 -6.51 -18.05
N GLY B 313 9.17 -6.15 -18.49
CA GLY B 313 9.36 -5.38 -19.71
C GLY B 313 8.97 -3.95 -19.50
N ASN B 314 8.67 -3.24 -20.58
CA ASN B 314 8.24 -1.86 -20.45
C ASN B 314 6.84 -1.81 -19.90
N PHE B 315 6.76 -1.85 -18.59
CA PHE B 315 5.51 -1.87 -17.90
C PHE B 315 4.70 -0.58 -17.99
N SER B 316 5.27 0.48 -18.54
CA SER B 316 4.47 1.68 -18.73
C SER B 316 3.56 1.43 -19.91
N TRP B 317 3.98 0.50 -20.77
CA TRP B 317 3.18 0.10 -21.90
C TRP B 317 2.21 -0.97 -21.43
N ALA B 318 2.63 -1.77 -20.44
CA ALA B 318 1.76 -2.79 -19.84
C ALA B 318 0.60 -2.12 -19.11
N VAL B 319 0.89 -1.03 -18.38
CA VAL B 319 -0.16 -0.22 -17.74
C VAL B 319 -0.12 1.22 -18.22
N PRO B 320 -0.60 1.50 -19.44
CA PRO B 320 -0.61 2.74 -20.19
C PRO B 320 -1.74 3.64 -19.79
N ILE B 321 -1.87 4.74 -20.51
CA ILE B 321 -2.87 5.78 -20.33
C ILE B 321 -4.33 5.35 -20.34
N PHE B 322 -4.62 4.05 -20.50
CA PHE B 322 -5.96 3.54 -20.45
C PHE B 322 -6.62 3.96 -19.16
N VAL B 323 -5.81 4.07 -18.10
CA VAL B 323 -6.27 4.56 -16.80
C VAL B 323 -6.81 5.97 -16.94
N ALA B 324 -6.03 6.81 -17.61
CA ALA B 324 -6.41 8.19 -17.86
C ALA B 324 -7.63 8.27 -18.75
N LEU B 325 -7.67 7.41 -19.76
CA LEU B 325 -8.76 7.38 -20.73
C LEU B 325 -10.04 6.96 -20.05
N SER B 326 -9.92 5.99 -19.15
CA SER B 326 -11.01 5.53 -18.31
C SER B 326 -11.59 6.67 -17.52
N CYS B 327 -10.68 7.41 -16.88
CA CYS B 327 -11.08 8.55 -16.09
C CYS B 327 -11.84 9.50 -16.97
N PHE B 328 -11.27 9.84 -18.12
CA PHE B 328 -11.86 10.81 -19.02
C PHE B 328 -13.25 10.44 -19.47
N GLY B 329 -13.48 9.15 -19.72
CA GLY B 329 -14.80 8.70 -20.14
C GLY B 329 -15.79 9.00 -19.06
N SER B 330 -15.45 8.62 -17.83
CA SER B 330 -16.32 8.84 -16.70
C SER B 330 -16.45 10.31 -16.35
N LEU B 331 -15.41 11.08 -16.63
CA LEU B 331 -15.44 12.50 -16.37
C LEU B 331 -16.40 13.17 -17.31
N ASN B 332 -16.35 12.81 -18.59
CA ASN B 332 -17.29 13.35 -19.56
C ASN B 332 -18.68 12.91 -19.25
N GLY B 333 -18.82 11.68 -18.77
CA GLY B 333 -20.12 11.18 -18.38
C GLY B 333 -20.70 12.08 -17.30
N SER B 334 -19.90 12.42 -16.29
CA SER B 334 -20.39 13.26 -15.21
C SER B 334 -20.64 14.68 -15.68
N LEU B 335 -19.84 15.14 -16.64
CA LEU B 335 -20.03 16.47 -17.18
C LEU B 335 -21.33 16.54 -17.95
N PHE B 336 -21.62 15.47 -18.69
CA PHE B 336 -22.85 15.41 -19.44
C PHE B 336 -24.02 15.20 -18.53
N ALA B 337 -23.82 14.47 -17.44
CA ALA B 337 -24.87 14.25 -16.48
C ALA B 337 -25.28 15.58 -15.89
N MET B 338 -24.29 16.38 -15.55
CA MET B 338 -24.55 17.69 -14.99
C MET B 338 -25.21 18.60 -15.98
N SER B 339 -24.68 18.65 -17.20
CA SER B 339 -25.24 19.53 -18.20
C SER B 339 -26.65 19.14 -18.57
N ARG B 340 -26.90 17.84 -18.56
CA ARG B 340 -28.21 17.29 -18.85
C ARG B 340 -29.18 17.68 -17.77
N LEU B 341 -28.75 17.56 -16.53
CA LEU B 341 -29.60 17.92 -15.42
C LEU B 341 -29.83 19.42 -15.35
N PHE B 342 -28.87 20.22 -15.84
CA PHE B 342 -29.08 21.65 -15.87
C PHE B 342 -30.20 21.96 -16.85
N TYR B 343 -30.16 21.26 -17.99
CA TYR B 343 -31.20 21.33 -19.01
C TYR B 343 -32.54 20.96 -18.38
N VAL B 344 -32.56 19.84 -17.68
CA VAL B 344 -33.76 19.38 -17.00
C VAL B 344 -34.32 20.41 -16.04
N ALA B 345 -33.46 21.02 -15.22
CA ALA B 345 -33.91 22.03 -14.26
C ALA B 345 -34.57 23.20 -14.99
N ALA B 346 -34.03 23.54 -16.16
CA ALA B 346 -34.63 24.57 -16.97
C ALA B 346 -35.98 24.10 -17.47
N ARG B 347 -36.08 22.83 -17.83
CA ARG B 347 -37.32 22.26 -18.26
C ARG B 347 -38.31 22.15 -17.12
N GLU B 348 -37.80 21.98 -15.91
CA GLU B 348 -38.64 21.97 -14.74
C GLU B 348 -39.22 23.36 -14.53
N GLY B 349 -38.44 24.37 -14.89
CA GLY B 349 -38.85 25.75 -14.79
C GLY B 349 -38.27 26.36 -13.52
N HIS B 350 -37.22 25.73 -13.03
CA HIS B 350 -36.55 26.16 -11.82
C HIS B 350 -35.32 26.95 -12.17
N LEU B 351 -34.74 26.64 -13.32
CA LEU B 351 -33.51 27.24 -13.76
C LEU B 351 -33.65 27.97 -15.11
N PRO B 352 -33.06 29.16 -15.27
CA PRO B 352 -33.02 29.94 -16.50
C PRO B 352 -32.50 29.12 -17.64
N LYS B 353 -33.27 29.05 -18.73
CA LYS B 353 -32.90 28.26 -19.91
C LYS B 353 -31.57 28.65 -20.53
N ILE B 354 -31.08 29.86 -20.24
CA ILE B 354 -29.78 30.25 -20.77
C ILE B 354 -28.68 29.30 -20.36
N LEU B 355 -28.83 28.60 -19.24
CA LEU B 355 -27.85 27.62 -18.81
C LEU B 355 -28.30 26.25 -19.30
N SER B 356 -28.51 26.26 -20.61
CA SER B 356 -28.24 25.09 -21.41
C SER B 356 -27.66 25.46 -22.74
N MET B 357 -28.38 24.93 -23.74
CA MET B 357 -28.65 25.64 -25.01
C MET B 357 -27.42 25.92 -25.89
N ILE B 358 -27.65 26.07 -27.19
CA ILE B 358 -26.53 26.19 -28.11
C ILE B 358 -26.37 27.69 -28.36
N HIS B 359 -25.21 28.24 -28.84
CA HIS B 359 -23.97 27.62 -29.35
C HIS B 359 -24.16 26.86 -30.63
N VAL B 360 -24.81 27.51 -31.60
CA VAL B 360 -25.10 27.01 -32.94
C VAL B 360 -23.88 26.49 -33.63
N ARG B 361 -22.79 27.21 -33.48
CA ARG B 361 -21.51 26.84 -34.07
C ARG B 361 -21.20 25.35 -33.90
N ARG B 362 -21.52 24.80 -32.74
CA ARG B 362 -21.31 23.39 -32.45
C ARG B 362 -22.61 22.65 -32.21
N HIS B 363 -23.66 23.41 -31.93
CA HIS B 363 -24.96 22.89 -31.55
C HIS B 363 -24.87 22.13 -30.23
N THR B 364 -24.21 22.74 -29.25
CA THR B 364 -24.06 22.08 -27.93
C THR B 364 -24.41 22.98 -26.76
N PRO B 365 -24.83 22.41 -25.62
CA PRO B 365 -25.21 23.07 -24.38
C PRO B 365 -24.00 23.56 -23.61
N LEU B 366 -23.26 24.46 -24.24
CA LEU B 366 -22.05 25.01 -23.69
C LEU B 366 -22.27 25.73 -22.37
N PRO B 367 -23.24 26.65 -22.22
CA PRO B 367 -23.63 27.30 -20.97
C PRO B 367 -23.76 26.31 -19.84
N ALA B 368 -24.42 25.18 -20.10
CA ALA B 368 -24.52 24.15 -19.09
C ALA B 368 -23.12 23.61 -18.72
N LEU B 369 -22.29 23.38 -19.74
CA LEU B 369 -20.93 22.91 -19.50
C LEU B 369 -20.12 23.95 -18.73
N ILE B 370 -20.36 25.21 -19.04
CA ILE B 370 -19.70 26.31 -18.38
C ILE B 370 -19.99 26.29 -16.92
N VAL B 371 -21.24 26.03 -16.55
CA VAL B 371 -21.58 25.93 -15.14
C VAL B 371 -20.84 24.79 -14.46
N SER B 372 -20.80 23.64 -15.13
CA SER B 372 -20.15 22.47 -14.55
C SER B 372 -18.65 22.67 -14.35
N GLY B 373 -18.03 23.56 -15.13
CA GLY B 373 -16.59 23.80 -14.98
C GLY B 373 -16.21 24.15 -13.53
N PRO B 374 -16.53 25.36 -13.06
CA PRO B 374 -16.33 25.91 -11.72
C PRO B 374 -16.87 24.96 -10.67
N LEU B 375 -18.01 24.35 -10.97
CA LEU B 375 -18.62 23.39 -10.08
C LEU B 375 -17.64 22.27 -9.73
N THR B 376 -16.87 21.82 -10.71
CA THR B 376 -15.89 20.77 -10.46
C THR B 376 -14.57 21.35 -10.00
N ALA B 377 -14.26 22.57 -10.43
CA ALA B 377 -13.00 23.22 -10.09
C ALA B 377 -12.85 23.37 -8.60
N ILE B 378 -13.91 23.79 -7.93
CA ILE B 378 -13.86 23.97 -6.50
C ILE B 378 -13.71 22.65 -5.76
N MET B 379 -14.17 21.57 -6.38
CA MET B 379 -14.07 20.28 -5.73
C MET B 379 -12.63 19.80 -5.92
N LEU B 380 -12.04 20.17 -7.06
CA LEU B 380 -10.64 19.88 -7.31
C LEU B 380 -9.80 20.62 -6.32
N PHE B 381 -10.21 21.85 -6.03
CA PHE B 381 -9.48 22.68 -5.09
C PHE B 381 -9.50 22.05 -3.72
N LEU B 382 -10.64 21.46 -3.35
CA LEU B 382 -10.72 20.75 -2.09
C LEU B 382 -9.72 19.60 -2.08
N GLY B 383 -9.62 18.88 -3.19
CA GLY B 383 -8.55 17.89 -3.35
C GLY B 383 -8.73 16.55 -2.64
N ASP B 384 -8.79 16.59 -1.33
CA ASP B 384 -8.84 15.37 -0.52
C ASP B 384 -9.96 14.46 -0.84
N LEU B 385 -9.45 13.31 -1.24
CA LEU B 385 -10.22 12.46 -2.11
C LEU B 385 -11.27 11.79 -1.28
N PHE B 386 -10.93 11.52 -0.03
CA PHE B 386 -11.80 10.78 0.84
C PHE B 386 -12.79 11.67 1.51
N SER B 387 -12.47 12.96 1.63
CA SER B 387 -13.42 13.91 2.18
C SER B 387 -14.40 14.21 1.08
N LEU B 388 -13.90 14.15 -0.16
CA LEU B 388 -14.75 14.32 -1.32
C LEU B 388 -15.70 13.14 -1.33
N ILE B 389 -15.15 11.97 -1.04
CA ILE B 389 -15.92 10.76 -0.89
C ILE B 389 -16.89 10.85 0.28
N ASN B 390 -16.50 11.46 1.40
CA ASN B 390 -17.45 11.64 2.50
C ASN B 390 -18.67 12.36 2.01
N PHE B 391 -18.47 13.42 1.25
CA PHE B 391 -19.59 14.20 0.76
C PHE B 391 -20.49 13.33 -0.13
N MET B 392 -19.86 12.49 -0.94
CA MET B 392 -20.58 11.58 -1.81
C MET B 392 -21.28 10.48 -1.04
N SER B 393 -20.63 10.03 0.03
CA SER B 393 -21.10 8.96 0.86
C SER B 393 -22.45 9.25 1.43
N PHE B 394 -22.65 10.47 1.92
CA PHE B 394 -23.94 10.86 2.50
C PHE B 394 -24.99 10.89 1.45
N GLY B 395 -24.49 11.35 0.31
CA GLY B 395 -25.43 11.93 -0.60
C GLY B 395 -26.16 10.72 -1.11
N THR B 396 -25.37 9.75 -1.57
CA THR B 396 -25.82 8.47 -2.05
C THR B 396 -26.69 7.73 -1.06
N TRP B 397 -26.17 7.54 0.15
CA TRP B 397 -26.91 6.77 1.15
C TRP B 397 -28.26 7.38 1.45
N LEU B 398 -28.28 8.70 1.53
CA LEU B 398 -29.47 9.42 1.89
C LEU B 398 -30.46 9.51 0.74
N PHE B 399 -29.94 9.73 -0.45
CA PHE B 399 -30.77 9.90 -1.62
C PHE B 399 -31.36 8.60 -2.07
N TYR B 400 -30.54 7.56 -2.03
CA TYR B 400 -31.02 6.25 -2.41
C TYR B 400 -31.93 5.80 -1.29
N GLY B 401 -31.63 6.25 -0.06
CA GLY B 401 -32.47 6.02 1.09
C GLY B 401 -33.87 6.55 0.81
N LEU B 402 -33.97 7.73 0.21
CA LEU B 402 -35.28 8.30 -0.14
C LEU B 402 -36.02 7.41 -1.12
N VAL B 403 -35.29 6.87 -2.11
CA VAL B 403 -35.90 6.00 -3.11
C VAL B 403 -36.54 4.80 -2.48
N VAL B 404 -35.77 4.13 -1.64
CA VAL B 404 -36.27 2.93 -1.03
C VAL B 404 -37.28 3.23 0.04
N ALA B 405 -37.16 4.38 0.70
CA ALA B 405 -38.11 4.77 1.72
C ALA B 405 -39.47 4.95 1.10
N GLY B 406 -39.50 5.56 -0.08
CA GLY B 406 -40.75 5.79 -0.79
C GLY B 406 -41.39 4.47 -1.13
N LEU B 407 -40.62 3.53 -1.68
CA LEU B 407 -41.17 2.24 -2.06
C LEU B 407 -41.64 1.43 -0.86
N ILE B 408 -40.93 1.54 0.26
CA ILE B 408 -41.32 0.86 1.49
C ILE B 408 -42.64 1.41 1.97
N TYR B 409 -42.72 2.74 2.03
CA TYR B 409 -43.95 3.40 2.42
C TYR B 409 -45.09 3.00 1.54
N LEU B 410 -44.89 3.10 0.24
CA LEU B 410 -45.94 2.83 -0.70
C LEU B 410 -46.40 1.41 -0.61
N ARG B 411 -45.49 0.47 -0.44
CA ARG B 411 -45.94 -0.89 -0.32
C ARG B 411 -46.83 -1.04 0.91
N TYR B 412 -46.48 -0.36 2.00
CA TYR B 412 -47.30 -0.41 3.19
C TYR B 412 -48.61 0.36 3.03
N LYS B 413 -48.57 1.46 2.29
CA LYS B 413 -49.73 2.32 2.08
C LYS B 413 -49.65 2.94 0.70
N LYS B 414 -50.67 2.70 -0.12
CA LYS B 414 -50.69 3.07 -1.54
C LYS B 414 -49.77 2.20 -2.45
N PRO B 415 -49.76 0.85 -2.26
CA PRO B 415 -49.00 -0.23 -2.93
C PRO B 415 -49.26 -0.28 -4.45
N ASP B 416 -49.00 -1.45 -5.05
CA ASP B 416 -49.13 -1.62 -6.50
C ASP B 416 -47.99 -0.92 -7.19
N LEU B 417 -46.79 -1.29 -6.77
CA LEU B 417 -45.56 -0.69 -7.25
C LEU B 417 -45.13 -1.31 -8.59
N HIS B 418 -45.88 -2.33 -8.99
CA HIS B 418 -45.72 -3.03 -10.24
C HIS B 418 -44.36 -3.67 -10.32
N ARG B 419 -43.99 -4.35 -9.24
CA ARG B 419 -42.69 -5.01 -9.18
C ARG B 419 -42.45 -5.85 -10.42
N PRO B 420 -41.38 -5.55 -11.17
CA PRO B 420 -40.93 -6.23 -12.37
C PRO B 420 -40.33 -7.58 -11.99
N ILE B 421 -40.01 -7.75 -10.71
CA ILE B 421 -39.47 -8.99 -10.17
C ILE B 421 -40.00 -9.25 -8.77
N LYS B 422 -40.32 -10.52 -8.52
CA LYS B 422 -40.87 -10.96 -7.25
C LYS B 422 -39.91 -10.85 -6.06
N VAL B 423 -39.69 -9.64 -5.57
CA VAL B 423 -38.85 -9.42 -4.40
C VAL B 423 -39.65 -8.69 -3.33
N PRO B 424 -39.32 -8.92 -2.06
CA PRO B 424 -39.90 -8.35 -0.85
C PRO B 424 -39.32 -6.98 -0.52
N LEU B 425 -39.92 -6.32 0.48
CA LEU B 425 -39.41 -5.05 0.96
C LEU B 425 -38.08 -5.17 1.66
N PHE B 426 -37.62 -6.38 1.92
CA PHE B 426 -36.34 -6.53 2.56
C PHE B 426 -35.23 -6.10 1.64
N ILE B 427 -35.51 -6.00 0.34
CA ILE B 427 -34.48 -5.50 -0.55
C ILE B 427 -34.23 -4.00 -0.28
N PRO B 428 -35.24 -3.10 -0.37
CA PRO B 428 -35.16 -1.69 -0.01
C PRO B 428 -34.92 -1.44 1.47
N ILE B 429 -35.44 -2.32 2.34
CA ILE B 429 -35.27 -2.17 3.77
C ILE B 429 -33.86 -2.46 4.21
N LEU B 430 -33.33 -3.60 3.82
CA LEU B 430 -31.99 -3.95 4.24
C LEU B 430 -31.02 -2.96 3.66
N PHE B 431 -31.26 -2.56 2.42
CA PHE B 431 -30.44 -1.54 1.79
C PHE B 431 -30.44 -0.29 2.65
N LEU B 432 -31.63 0.22 2.94
CA LEU B 432 -31.81 1.41 3.74
C LEU B 432 -31.08 1.32 5.06
N LEU B 433 -31.22 0.18 5.72
CA LEU B 433 -30.62 -0.04 7.00
C LEU B 433 -29.12 0.04 6.96
N THR B 434 -28.48 -0.49 5.90
CA THR B 434 -27.02 -0.42 5.84
C THR B 434 -26.56 1.02 5.71
N CYS B 435 -27.45 1.74 5.06
CA CYS B 435 -26.94 2.91 4.40
C CYS B 435 -27.04 4.02 5.42
N LEU B 436 -28.15 4.03 6.16
CA LEU B 436 -28.35 4.98 7.24
C LEU B 436 -27.43 4.71 8.41
N PHE B 437 -27.11 3.43 8.66
CA PHE B 437 -26.21 3.15 9.75
C PHE B 437 -24.84 3.67 9.37
N LEU B 438 -24.51 3.53 8.09
CA LEU B 438 -23.26 4.03 7.56
C LEU B 438 -23.24 5.55 7.64
N VAL B 439 -24.40 6.18 7.40
CA VAL B 439 -24.51 7.63 7.57
C VAL B 439 -24.17 8.04 8.99
N ALA B 440 -24.76 7.36 9.96
CA ALA B 440 -24.51 7.69 11.35
C ALA B 440 -23.05 7.49 11.73
N VAL B 441 -22.49 6.35 11.37
CA VAL B 441 -21.13 6.06 11.75
C VAL B 441 -20.16 6.99 11.05
N SER B 442 -20.42 7.27 9.78
CA SER B 442 -19.55 8.16 9.04
C SER B 442 -19.63 9.55 9.58
N LEU B 443 -20.79 9.94 10.08
CA LEU B 443 -20.93 11.22 10.76
C LEU B 443 -19.97 11.27 11.91
N TYR B 444 -19.96 10.20 12.69
CA TYR B 444 -19.09 10.10 13.85
C TYR B 444 -17.62 10.08 13.42
N SER B 445 -17.36 9.41 12.29
CA SER B 445 -16.02 9.25 11.75
C SER B 445 -15.40 10.59 11.34
N ASP B 446 -16.21 11.46 10.75
CA ASP B 446 -15.75 12.78 10.33
C ASP B 446 -16.82 13.82 10.33
N PRO B 447 -17.25 14.28 11.49
CA PRO B 447 -18.35 15.21 11.74
C PRO B 447 -18.11 16.60 11.13
N VAL B 448 -16.92 16.85 10.60
CA VAL B 448 -16.63 18.13 9.99
C VAL B 448 -17.11 18.11 8.57
N ASN B 449 -16.56 17.20 7.77
CA ASN B 449 -16.95 17.11 6.38
C ASN B 449 -18.32 16.46 6.27
N CYS B 450 -18.63 15.62 7.24
CA CYS B 450 -19.89 14.95 7.27
C CYS B 450 -20.98 15.94 7.60
N GLY B 451 -20.69 16.79 8.58
CA GLY B 451 -21.61 17.83 8.99
C GLY B 451 -21.85 18.77 7.83
N ILE B 452 -20.76 19.19 7.17
CA ILE B 452 -20.84 20.09 6.03
C ILE B 452 -21.66 19.50 4.91
N GLY B 453 -21.39 18.24 4.56
CA GLY B 453 -22.13 17.57 3.50
C GLY B 453 -23.61 17.57 3.79
N PHE B 454 -23.97 17.23 5.02
CA PHE B 454 -25.35 17.20 5.43
C PHE B 454 -25.98 18.57 5.32
N VAL B 455 -25.26 19.61 5.76
CA VAL B 455 -25.75 20.98 5.64
C VAL B 455 -25.99 21.35 4.20
N ILE B 456 -25.06 20.99 3.31
CA ILE B 456 -25.22 21.27 1.89
C ILE B 456 -26.50 20.66 1.40
N ILE B 457 -26.75 19.41 1.84
CA ILE B 457 -27.95 18.71 1.47
C ILE B 457 -29.19 19.47 1.97
N LEU B 458 -29.14 19.94 3.21
CA LEU B 458 -30.26 20.70 3.76
C LEU B 458 -30.52 21.95 2.95
N THR B 459 -29.44 22.60 2.52
CA THR B 459 -29.50 23.82 1.73
C THR B 459 -29.71 23.62 0.23
N GLY B 460 -30.06 22.38 -0.08
CA GLY B 460 -30.93 22.22 -1.24
C GLY B 460 -32.35 22.78 -1.08
N VAL B 461 -32.93 22.65 0.11
CA VAL B 461 -34.33 23.05 0.34
C VAL B 461 -34.64 24.55 0.12
N PRO B 462 -33.99 25.50 0.82
CA PRO B 462 -34.20 26.94 0.70
C PRO B 462 -33.85 27.43 -0.69
N VAL B 463 -32.95 26.70 -1.34
CA VAL B 463 -32.57 27.03 -2.69
C VAL B 463 -33.73 26.76 -3.60
N TYR B 464 -34.40 25.64 -3.36
CA TYR B 464 -35.60 25.31 -4.11
C TYR B 464 -36.61 26.44 -3.98
N PHE B 465 -36.76 26.94 -2.75
CA PHE B 465 -37.66 28.07 -2.50
C PHE B 465 -37.22 29.29 -3.30
N LEU B 466 -35.93 29.52 -3.43
CA LEU B 466 -35.47 30.63 -4.24
C LEU B 466 -35.80 30.42 -5.72
N PHE B 467 -35.67 29.18 -6.20
CA PHE B 467 -35.94 28.85 -7.60
C PHE B 467 -37.42 28.73 -7.94
N VAL B 468 -38.26 28.43 -6.95
CA VAL B 468 -39.70 28.33 -7.16
C VAL B 468 -40.40 29.32 -6.26
N TYR B 469 -40.36 28.99 -4.96
CA TYR B 469 -41.45 29.41 -4.06
C TYR B 469 -41.08 30.75 -3.39
N TRP B 470 -40.28 31.56 -4.06
CA TRP B 470 -39.77 32.81 -3.55
C TRP B 470 -40.84 33.89 -3.45
N ASP B 471 -40.72 34.69 -2.40
CA ASP B 471 -41.64 35.76 -2.05
C ASP B 471 -41.89 36.74 -3.19
N LYS B 472 -40.82 37.23 -3.80
CA LYS B 472 -40.96 38.18 -4.90
C LYS B 472 -39.68 38.47 -5.64
N LYS B 473 -39.69 38.15 -6.93
CA LYS B 473 -38.59 38.50 -7.81
C LYS B 473 -38.87 39.89 -8.35
N PRO B 474 -37.94 40.83 -8.21
CA PRO B 474 -37.99 42.20 -8.69
C PRO B 474 -38.17 42.28 -10.20
N LYS B 475 -38.92 43.27 -10.63
CA LYS B 475 -39.15 43.46 -12.05
C LYS B 475 -37.89 43.89 -12.73
N TRP B 476 -37.18 44.84 -12.12
CA TRP B 476 -35.91 45.28 -12.68
C TRP B 476 -34.92 44.13 -12.74
N PHE B 477 -35.03 43.18 -11.82
CA PHE B 477 -34.18 42.03 -11.85
C PHE B 477 -34.43 41.27 -13.11
N ARG B 478 -35.70 41.01 -13.38
CA ARG B 478 -36.09 40.31 -14.60
C ARG B 478 -35.59 41.05 -15.82
N ARG B 479 -35.74 42.37 -15.81
CA ARG B 479 -35.34 43.21 -16.93
C ARG B 479 -33.87 43.07 -17.22
N ILE B 480 -33.04 43.17 -16.18
CA ILE B 480 -31.62 43.08 -16.38
C ILE B 480 -31.20 41.67 -16.60
N SER B 481 -31.98 40.70 -16.11
CA SER B 481 -31.62 39.33 -16.34
C SER B 481 -31.81 39.03 -17.79
N GLU B 482 -32.83 39.64 -18.39
CA GLU B 482 -33.06 39.44 -19.80
C GLU B 482 -31.97 40.14 -20.58
N LYS B 483 -31.67 41.38 -20.22
CA LYS B 483 -30.62 42.17 -20.87
C LYS B 483 -29.27 41.45 -20.84
N ILE B 484 -28.89 41.00 -19.67
CA ILE B 484 -27.63 40.31 -19.46
C ILE B 484 -27.59 39.00 -20.20
N THR B 485 -28.65 38.21 -20.09
CA THR B 485 -28.69 36.94 -20.78
C THR B 485 -28.74 37.16 -22.28
N ARG B 486 -29.33 38.26 -22.69
CA ARG B 486 -29.34 38.64 -24.09
C ARG B 486 -27.92 38.79 -24.55
N HIS B 487 -27.15 39.57 -23.80
CA HIS B 487 -25.76 39.83 -24.12
C HIS B 487 -24.95 38.57 -24.13
N LEU B 488 -25.21 37.69 -23.18
CA LEU B 488 -24.51 36.43 -23.07
C LEU B 488 -24.79 35.58 -24.28
N GLN B 489 -26.04 35.58 -24.71
CA GLN B 489 -26.45 34.85 -25.89
C GLN B 489 -25.89 35.48 -27.15
N LEU B 490 -25.78 36.81 -27.16
CA LEU B 490 -25.17 37.50 -28.29
C LEU B 490 -23.71 37.08 -28.39
N LEU B 491 -23.08 36.84 -27.24
CA LEU B 491 -21.72 36.34 -27.25
C LEU B 491 -21.70 34.92 -27.80
N LEU B 492 -22.56 34.08 -27.24
CA LEU B 492 -22.62 32.65 -27.53
C LEU B 492 -22.92 32.19 -28.95
N GLU B 493 -23.94 32.79 -29.60
CA GLU B 493 -24.41 32.39 -30.95
C GLU B 493 -25.37 31.20 -30.86
N VAL B 494 -26.66 31.54 -30.91
CA VAL B 494 -27.53 30.68 -30.11
C VAL B 494 -28.88 30.23 -30.66
N VAL B 495 -29.35 29.14 -30.06
CA VAL B 495 -30.73 28.64 -30.13
C VAL B 495 -31.05 28.20 -28.70
N PRO B 496 -32.08 28.80 -28.08
CA PRO B 496 -32.54 28.60 -26.72
C PRO B 496 -33.23 27.27 -26.58
N GLU B 497 -33.39 26.81 -25.34
CA GLU B 497 -34.11 25.56 -25.18
C GLU B 497 -35.49 25.84 -25.72
N GLU B 498 -35.93 25.04 -26.67
CA GLU B 498 -37.21 25.30 -27.28
C GLU B 498 -38.27 24.52 -26.53
#